data_2B4C
#
_entry.id   2B4C
#
_cell.length_a   225.993
_cell.length_b   225.993
_cell.length_c   97.968
_cell.angle_alpha   90.00
_cell.angle_beta   90.00
_cell.angle_gamma   120.00
#
_symmetry.space_group_name_H-M   'P 6 2 2'
#
loop_
_entity.id
_entity.type
_entity.pdbx_description
1 polymer 'envelope glycoprotein'
2 polymer 'T-cell surface glycoprotein CD4'
3 polymer 'anti-HIV-1 gp120 immunoglobulin X5 light chain'
4 polymer 'anti-HIV-1 gp120 immunoglobulin X5 heavy chain'
5 branched alpha-L-fucopyranose-(1-6)-2-acetamido-2-deoxy-beta-D-glucopyranose
6 non-polymer 2-acetamido-2-deoxy-beta-D-glucopyranose
7 non-polymer 'SULFATE ION'
8 non-polymer Xylitol
#
loop_
_entity_poly.entity_id
_entity_poly.type
_entity_poly.pdbx_seq_one_letter_code
_entity_poly.pdbx_strand_id
1 'polypeptide(L)'
;GARSEVVLENVTEHFNMWKNDMVEQMQEDIISLWDQSLKPCVKLTPLCVGAGSCDTSVITQACPKISFEPIPIHYCAPAG
FAILKCNDKTFNGKGPCKNVSTVQCTHGIRPVVSTQLLLNGSLAEEEVVIRSDNFTNNAKTIIVQLKESVEINCTRPNQN
TRKSIHIGPGRAFYTTGEIIGDIRQAHCNISRAKWNDTLKQIVIKLREQFENKTIVFNHSSGGDPEIVMHSFNCGGEFFY
CNSAQLFNSTWNNNTEGSNNTEGNTITLPCRIKQIINMWQEVGKAMYAPPIRGQIRCSSNITGLLLTRDGGINENGTEIF
RPGGGDMRDNWRSELYKYKVVKIE
;
G
2 'polypeptide(L)'
;KKVVLGKKGDTVELTCTASQKKSIQFHWKNSNQIKILGNQGSFLTKGPSKLNDRADSRRSLWDQGNFPLIIKNLKIEDSD
TYICEVEDQKEEVQLLVFGLTANSDTHLLQGQSLTLTLESPPGSSPSVQCRSPRGKNIQGGKTLSVSQLELQDSGTWTCT
VLQNQKKVEFKIDIVVLAFQK
;
C
3 'polypeptide(L)'
;ELVLTQSPGTLSLSAGERATLSCRASQSVSSGSLAWYQQKPGQAPRLLIYGASTRATGIPDRFSGSGSGTDFTLTIGRLE
PEDLAVYYCQQYGTSPYTFGQGTKLEIKRTVAAPSVFIFPPSDEQLKSGTASVVCLLNNFYPREAKVQWKVDNALQSGNS
QESVTEQDSRDSTYSLGSTLTLSKADYEKHKVYACEVTHQGLSSPVTKSFNRGEC
;
L
4 'polypeptide(L)'
;EVQLLEQSGAEVKKPGSSVQVSCKASGGTFSMYGFNWVRQAPGHGLEWMGGIIPIFGTSNYAQKFRGRVTFTADQATSTA
YMELTNLRSDDTAVYYCARDFGPDWEDGDSYDGSGRGFFDFWGQGTLVTVSSASTKGPSVFPLAPSSKSTSGGTAALGCL
VKDYFPEPVTVSWNSGALTSGVHTFPAVLQSSGLYSLSSVVTVPSSSLGTQTYICNVNHKPSNTKVDKKVEPKSC
;
H
#
# COMPACT_ATOMS: atom_id res chain seq x y z
N VAL A 6 -49.33 18.31 40.61
CA VAL A 6 -49.10 19.61 39.92
C VAL A 6 -48.38 20.58 40.87
N VAL A 7 -47.11 20.30 41.11
CA VAL A 7 -46.30 21.12 42.00
C VAL A 7 -45.71 22.33 41.30
N LEU A 8 -45.37 23.36 42.08
CA LEU A 8 -44.78 24.58 41.54
C LEU A 8 -43.65 25.05 42.47
N GLU A 9 -42.40 24.64 42.29
CA GLU A 9 -41.31 25.08 43.16
C GLU A 9 -40.75 26.42 42.70
N ASN A 10 -40.60 27.16 43.59
CA ASN A 10 -40.07 28.50 43.36
C ASN A 10 -38.58 28.56 43.62
N VAL A 11 -37.78 28.15 42.64
CA VAL A 11 -36.33 28.16 42.80
C VAL A 11 -35.59 28.42 41.48
N THR A 12 -34.36 28.89 41.60
CA THR A 12 -33.52 29.18 40.45
C THR A 12 -32.93 27.88 39.90
N GLU A 13 -33.53 27.35 38.84
CA GLU A 13 -33.11 26.11 38.20
C GLU A 13 -31.90 26.24 37.29
N HIS A 14 -30.82 25.52 37.62
CA HIS A 14 -29.61 25.54 36.83
C HIS A 14 -29.72 24.58 35.65
N PHE A 15 -29.01 24.88 34.56
CA PHE A 15 -29.05 24.05 33.36
C PHE A 15 -27.72 24.05 32.62
N ASN A 16 -27.44 22.97 31.90
CA ASN A 16 -26.20 22.85 31.13
C ASN A 16 -26.43 21.84 30.02
N MET A 17 -25.59 21.89 28.99
CA MET A 17 -25.72 20.98 27.87
C MET A 17 -24.38 20.35 27.50
N TRP A 18 -23.30 20.96 27.99
CA TRP A 18 -21.96 20.47 27.70
C TRP A 18 -21.52 19.42 28.70
N LYS A 19 -21.86 19.60 29.96
CA LYS A 19 -21.51 18.63 30.99
C LYS A 19 -22.77 17.84 31.35
N ASN A 20 -23.47 17.40 30.31
CA ASN A 20 -24.71 16.64 30.49
C ASN A 20 -24.49 15.16 30.21
N ASP A 21 -24.88 14.32 31.16
CA ASP A 21 -24.73 12.88 31.03
C ASP A 21 -25.75 12.30 30.06
N MET A 22 -26.85 13.02 29.87
CA MET A 22 -27.92 12.60 28.98
C MET A 22 -27.43 12.53 27.54
N VAL A 23 -26.45 13.37 27.22
CA VAL A 23 -25.89 13.41 25.87
C VAL A 23 -24.96 12.24 25.63
N GLU A 24 -24.08 11.98 26.59
CA GLU A 24 -23.14 10.86 26.47
C GLU A 24 -23.85 9.53 26.49
N GLN A 25 -25.00 9.47 27.17
CA GLN A 25 -25.76 8.24 27.27
C GLN A 25 -26.46 7.97 25.94
N MET A 26 -26.95 9.04 25.32
CA MET A 26 -27.63 8.94 24.04
C MET A 26 -26.66 8.44 22.98
N GLN A 27 -25.44 8.95 23.04
CA GLN A 27 -24.38 8.58 22.11
C GLN A 27 -24.16 7.06 22.08
N GLU A 28 -24.10 6.46 23.26
CA GLU A 28 -23.88 5.02 23.39
C GLU A 28 -24.94 4.20 22.66
N ASP A 29 -26.17 4.71 22.65
CA ASP A 29 -27.28 4.03 22.00
C ASP A 29 -27.32 4.16 20.50
N ILE A 30 -26.78 5.26 19.98
CA ILE A 30 -26.76 5.47 18.55
C ILE A 30 -25.71 4.58 17.91
N ILE A 31 -24.59 4.43 18.61
CA ILE A 31 -23.51 3.58 18.13
C ILE A 31 -23.99 2.15 18.09
N SER A 32 -24.75 1.76 19.10
CA SER A 32 -25.29 0.41 19.19
C SER A 32 -26.28 0.16 18.05
N LEU A 33 -27.02 1.21 17.70
CA LEU A 33 -27.99 1.12 16.63
C LEU A 33 -27.30 1.16 15.27
N TRP A 34 -26.10 1.72 15.25
CA TRP A 34 -25.32 1.83 14.02
C TRP A 34 -24.64 0.50 13.71
N ASP A 35 -24.20 -0.19 14.77
CA ASP A 35 -23.54 -1.47 14.61
C ASP A 35 -24.49 -2.57 14.16
N GLN A 36 -25.79 -2.39 14.40
CA GLN A 36 -26.75 -3.40 13.98
C GLN A 36 -27.50 -2.98 12.73
N SER A 37 -27.03 -1.90 12.10
CA SER A 37 -27.64 -1.37 10.89
C SER A 37 -26.61 -1.21 9.78
N LEU A 38 -25.57 -0.43 10.05
CA LEU A 38 -24.52 -0.21 9.07
C LEU A 38 -23.24 -0.94 9.47
N LYS A 39 -22.98 -2.06 8.81
CA LYS A 39 -21.79 -2.86 9.09
C LYS A 39 -20.75 -2.76 7.98
N PRO A 40 -19.48 -2.55 8.34
CA PRO A 40 -18.39 -2.43 7.37
C PRO A 40 -17.92 -3.82 6.96
N CYS A 41 -17.32 -3.95 5.79
CA CYS A 41 -16.84 -5.25 5.40
C CYS A 41 -15.48 -5.53 6.01
N VAL A 42 -14.76 -4.46 6.33
CA VAL A 42 -13.44 -4.59 6.96
C VAL A 42 -13.32 -3.47 7.98
N LYS A 43 -12.82 -3.80 9.16
CA LYS A 43 -12.64 -2.79 10.21
C LYS A 43 -11.21 -2.74 10.69
N LEU A 44 -10.66 -1.54 10.79
CA LEU A 44 -9.29 -1.39 11.29
C LEU A 44 -9.32 -0.57 12.57
N THR A 45 -8.81 -1.16 13.65
CA THR A 45 -8.80 -0.50 14.94
C THR A 45 -7.44 -0.56 15.62
N PRO A 46 -7.02 0.54 16.25
CA PRO A 46 -5.73 0.55 16.94
C PRO A 46 -5.72 -0.40 18.12
N LEU A 47 -5.00 -1.51 17.99
CA LEU A 47 -4.93 -2.49 19.06
C LEU A 47 -3.97 -1.98 20.14
N CYS A 48 -4.42 -1.01 20.92
CA CYS A 48 -3.57 -0.43 21.95
C CYS A 48 -3.54 -1.17 23.29
N VAL A 49 -2.82 -2.27 23.31
CA VAL A 49 -2.66 -3.07 24.52
C VAL A 49 -1.20 -2.94 24.96
N GLY A 50 -0.99 -2.65 26.24
CA GLY A 50 0.36 -2.47 26.74
C GLY A 50 0.90 -1.11 26.30
N ALA A 51 0.68 -0.11 27.15
CA ALA A 51 1.11 1.27 26.92
C ALA A 51 1.97 1.48 25.67
N GLY A 52 3.15 0.85 25.65
CA GLY A 52 4.05 0.98 24.52
C GLY A 52 3.30 1.06 23.20
N SER A 53 3.81 1.88 22.28
CA SER A 53 3.20 2.07 20.96
C SER A 53 2.40 0.85 20.50
N CYS A 54 1.28 1.10 19.82
CA CYS A 54 0.39 0.02 19.38
C CYS A 54 0.45 -0.38 17.91
N ASP A 55 -0.32 -1.41 17.58
CA ASP A 55 -0.41 -1.94 16.22
C ASP A 55 -1.87 -1.85 15.78
N THR A 56 -2.19 -2.34 14.59
CA THR A 56 -3.56 -2.29 14.09
C THR A 56 -4.27 -3.65 14.15
N SER A 57 -5.57 -3.62 14.39
CA SER A 57 -6.38 -4.84 14.47
C SER A 57 -7.36 -4.92 13.31
N VAL A 58 -7.24 -5.98 12.51
CA VAL A 58 -8.10 -6.15 11.36
C VAL A 58 -9.18 -7.22 11.56
N ILE A 59 -10.40 -6.89 11.14
CA ILE A 59 -11.53 -7.81 11.27
C ILE A 59 -12.37 -7.77 10.00
N THR A 60 -12.60 -8.92 9.38
CA THR A 60 -13.41 -8.98 8.18
C THR A 60 -14.76 -9.61 8.51
N GLN A 61 -15.84 -8.97 8.06
CA GLN A 61 -17.19 -9.46 8.32
C GLN A 61 -18.14 -9.14 7.17
N ALA A 62 -19.28 -9.83 7.15
CA ALA A 62 -20.28 -9.62 6.11
C ALA A 62 -20.88 -8.21 6.20
N CYS A 63 -21.04 -7.55 5.06
CA CYS A 63 -21.62 -6.21 5.06
C CYS A 63 -22.81 -6.01 4.12
N PRO A 64 -24.04 -6.17 4.64
CA PRO A 64 -25.27 -6.01 3.85
C PRO A 64 -25.50 -4.53 3.58
N LYS A 65 -25.98 -4.20 2.39
CA LYS A 65 -26.22 -2.81 2.06
C LYS A 65 -27.63 -2.33 2.39
N ILE A 66 -28.03 -2.45 3.65
CA ILE A 66 -29.36 -1.99 4.04
C ILE A 66 -29.30 -0.53 4.49
N SER A 67 -30.41 0.18 4.36
CA SER A 67 -30.49 1.58 4.72
C SER A 67 -30.72 1.87 6.20
N PHE A 68 -29.94 2.81 6.73
CA PHE A 68 -30.05 3.23 8.13
C PHE A 68 -31.07 4.36 8.19
N GLU A 69 -32.30 4.01 8.56
CA GLU A 69 -33.39 4.97 8.64
C GLU A 69 -33.38 5.80 9.92
N PRO A 70 -33.56 7.13 9.81
CA PRO A 70 -33.56 8.04 10.95
C PRO A 70 -34.82 7.83 11.79
N ILE A 71 -34.89 6.70 12.48
CA ILE A 71 -36.04 6.39 13.30
C ILE A 71 -36.10 7.24 14.56
N PRO A 72 -37.21 7.98 14.75
CA PRO A 72 -37.43 8.87 15.90
C PRO A 72 -37.06 8.23 17.24
N ILE A 73 -36.36 8.98 18.08
CA ILE A 73 -35.94 8.48 19.38
C ILE A 73 -36.45 9.37 20.51
N HIS A 74 -37.11 8.75 21.49
CA HIS A 74 -37.65 9.47 22.63
C HIS A 74 -36.92 9.02 23.89
N TYR A 75 -36.13 9.92 24.48
CA TYR A 75 -35.44 9.57 25.72
C TYR A 75 -36.48 9.79 26.82
N CYS A 76 -37.12 8.72 27.27
CA CYS A 76 -38.14 8.86 28.31
C CYS A 76 -37.56 8.66 29.71
N ALA A 77 -38.25 9.18 30.71
CA ALA A 77 -37.84 9.07 32.11
C ALA A 77 -38.29 7.77 32.77
N PRO A 78 -37.36 7.07 33.44
CA PRO A 78 -37.64 5.80 34.13
C PRO A 78 -38.50 6.02 35.37
N ALA A 79 -38.97 4.93 35.96
CA ALA A 79 -39.78 5.03 37.17
C ALA A 79 -38.90 5.52 38.30
N GLY A 80 -39.22 6.69 38.85
CA GLY A 80 -38.44 7.25 39.93
C GLY A 80 -37.59 8.40 39.45
N PHE A 81 -37.77 8.76 38.18
CA PHE A 81 -37.03 9.84 37.55
C PHE A 81 -37.95 10.67 36.65
N ALA A 82 -37.55 11.91 36.40
CA ALA A 82 -38.34 12.80 35.56
C ALA A 82 -37.42 13.73 34.78
N ILE A 83 -37.82 14.10 33.57
CA ILE A 83 -37.01 14.99 32.75
C ILE A 83 -37.65 16.37 32.61
N LEU A 84 -36.84 17.40 32.87
CA LEU A 84 -37.28 18.78 32.80
C LEU A 84 -37.05 19.39 31.42
N LYS A 85 -38.05 20.10 30.91
CA LYS A 85 -37.96 20.73 29.60
C LYS A 85 -37.98 22.25 29.74
N CYS A 86 -36.84 22.89 29.51
CA CYS A 86 -36.76 24.35 29.61
C CYS A 86 -37.50 24.97 28.41
N ASN A 87 -38.65 25.57 28.68
CA ASN A 87 -39.46 26.20 27.63
C ASN A 87 -39.15 27.66 27.38
N ASP A 88 -37.93 28.07 27.66
CA ASP A 88 -37.53 29.46 27.43
C ASP A 88 -37.52 29.77 25.94
N LYS A 89 -38.09 30.91 25.57
CA LYS A 89 -38.15 31.32 24.17
C LYS A 89 -36.75 31.51 23.56
N THR A 90 -35.83 32.06 24.36
CA THR A 90 -34.47 32.29 23.90
C THR A 90 -33.50 31.87 24.99
N PHE A 91 -33.02 30.63 24.91
CA PHE A 91 -32.10 30.10 25.89
C PHE A 91 -30.68 30.09 25.35
N ASN A 92 -29.70 30.38 26.20
CA ASN A 92 -28.30 30.42 25.75
C ASN A 92 -27.57 29.09 25.87
N GLY A 93 -28.25 28.05 26.33
CA GLY A 93 -27.60 26.75 26.45
C GLY A 93 -27.24 26.37 27.87
N LYS A 94 -26.33 27.12 28.50
CA LYS A 94 -25.92 26.84 29.87
C LYS A 94 -26.28 28.02 30.78
N GLY A 95 -26.57 27.71 32.05
CA GLY A 95 -26.93 28.76 33.00
C GLY A 95 -28.27 28.50 33.64
N PRO A 96 -28.93 29.53 34.18
CA PRO A 96 -30.23 29.40 34.83
C PRO A 96 -31.40 29.52 33.86
N CYS A 97 -32.33 28.56 33.89
CA CYS A 97 -33.51 28.62 33.01
C CYS A 97 -34.67 29.23 33.80
N LYS A 98 -35.45 30.10 33.16
CA LYS A 98 -36.57 30.76 33.82
C LYS A 98 -37.83 29.87 33.85
N ASN A 99 -38.45 29.69 32.69
CA ASN A 99 -39.64 28.86 32.60
C ASN A 99 -39.26 27.45 32.16
N VAL A 100 -39.60 26.46 32.96
CA VAL A 100 -39.28 25.08 32.63
C VAL A 100 -40.37 24.12 33.11
N SER A 101 -40.93 23.34 32.18
CA SER A 101 -41.98 22.38 32.49
C SER A 101 -41.39 20.98 32.69
N THR A 102 -42.25 19.97 32.76
CA THR A 102 -41.78 18.61 32.95
C THR A 102 -42.62 17.61 32.18
N VAL A 103 -42.06 17.06 31.10
CA VAL A 103 -42.74 16.06 30.30
C VAL A 103 -42.15 14.70 30.66
N GLN A 104 -42.78 13.63 30.18
CA GLN A 104 -42.29 12.30 30.50
C GLN A 104 -41.31 11.76 29.47
N CYS A 105 -41.54 12.07 28.19
CA CYS A 105 -40.64 11.61 27.14
C CYS A 105 -40.11 12.81 26.35
N THR A 106 -38.93 12.65 25.77
CA THR A 106 -38.30 13.70 24.99
C THR A 106 -38.86 13.78 23.57
N HIS A 107 -38.82 14.97 22.98
CA HIS A 107 -39.33 15.16 21.62
C HIS A 107 -38.64 14.25 20.61
N GLY A 108 -39.31 14.04 19.47
CA GLY A 108 -38.76 13.18 18.44
C GLY A 108 -37.44 13.63 17.84
N ILE A 109 -36.35 12.96 18.22
CA ILE A 109 -35.03 13.29 17.72
C ILE A 109 -34.66 12.35 16.58
N ARG A 110 -34.29 12.92 15.44
CA ARG A 110 -33.91 12.14 14.28
C ARG A 110 -32.40 11.88 14.35
N PRO A 111 -32.00 10.60 14.50
CA PRO A 111 -30.57 10.23 14.58
C PRO A 111 -29.80 10.43 13.28
N VAL A 112 -29.29 11.65 13.08
CA VAL A 112 -28.52 11.97 11.88
C VAL A 112 -27.07 12.26 12.24
N VAL A 113 -26.18 11.43 11.71
CA VAL A 113 -24.75 11.61 11.97
C VAL A 113 -24.09 12.30 10.79
N SER A 114 -23.93 13.62 10.89
CA SER A 114 -23.32 14.41 9.83
C SER A 114 -22.40 15.49 10.39
N THR A 115 -21.51 16.00 9.55
CA THR A 115 -20.57 17.02 9.96
C THR A 115 -20.88 18.38 9.34
N GLN A 116 -20.35 19.44 9.96
CA GLN A 116 -20.55 20.81 9.48
C GLN A 116 -22.00 21.28 9.53
N LEU A 117 -22.87 20.58 8.80
CA LEU A 117 -24.28 20.94 8.76
C LEU A 117 -25.12 19.97 9.60
N LEU A 118 -26.18 20.49 10.20
CA LEU A 118 -27.08 19.66 11.01
C LEU A 118 -28.38 19.50 10.24
N LEU A 119 -28.73 18.26 9.90
CA LEU A 119 -29.93 17.98 9.12
C LEU A 119 -31.03 17.27 9.91
N ASN A 120 -32.28 17.48 9.50
CA ASN A 120 -33.43 16.86 10.15
C ASN A 120 -33.41 16.96 11.67
N GLY A 121 -33.69 18.15 12.18
CA GLY A 121 -33.70 18.34 13.62
C GLY A 121 -34.74 19.33 14.08
N SER A 122 -34.61 19.77 15.33
CA SER A 122 -35.54 20.71 15.94
C SER A 122 -35.29 22.14 15.48
N LEU A 123 -36.35 22.82 15.07
CA LEU A 123 -36.24 24.20 14.62
C LEU A 123 -36.65 25.16 15.73
N ALA A 124 -35.96 26.30 15.80
CA ALA A 124 -36.27 27.30 16.81
C ALA A 124 -37.53 28.05 16.41
N GLU A 125 -38.52 28.07 17.30
CA GLU A 125 -39.78 28.75 17.03
C GLU A 125 -39.67 30.28 17.06
N GLU A 126 -38.61 30.79 17.67
CA GLU A 126 -38.41 32.23 17.75
C GLU A 126 -37.35 32.73 16.77
N GLU A 127 -36.13 32.91 17.25
CA GLU A 127 -35.04 33.39 16.42
C GLU A 127 -33.84 32.44 16.43
N VAL A 128 -32.84 32.76 15.62
CA VAL A 128 -31.63 31.95 15.56
C VAL A 128 -30.85 32.09 16.87
N VAL A 129 -30.51 30.96 17.47
CA VAL A 129 -29.78 30.97 18.73
C VAL A 129 -28.45 30.25 18.66
N ILE A 130 -27.36 31.00 18.77
CA ILE A 130 -26.01 30.44 18.73
C ILE A 130 -25.50 30.22 20.15
N ARG A 131 -24.78 29.13 20.37
CA ARG A 131 -24.26 28.84 21.69
C ARG A 131 -22.97 28.03 21.72
N SER A 132 -22.13 28.34 22.70
CA SER A 132 -20.84 27.68 22.87
C SER A 132 -20.53 27.66 24.37
N ASP A 133 -19.69 26.71 24.79
CA ASP A 133 -19.34 26.60 26.18
C ASP A 133 -18.62 27.88 26.65
N ASN A 134 -17.78 28.43 25.77
CA ASN A 134 -17.04 29.66 26.07
C ASN A 134 -16.73 30.30 24.72
N PHE A 135 -17.48 31.34 24.37
CA PHE A 135 -17.29 32.03 23.11
C PHE A 135 -15.94 32.71 22.97
N THR A 136 -15.32 33.06 24.09
CA THR A 136 -14.01 33.71 24.03
C THR A 136 -12.96 32.72 23.58
N ASN A 137 -13.22 31.44 23.83
CA ASN A 137 -12.30 30.38 23.43
C ASN A 137 -12.67 29.88 22.04
N ASN A 138 -11.69 29.87 21.14
CA ASN A 138 -11.91 29.44 19.77
C ASN A 138 -11.94 27.92 19.58
N ALA A 139 -11.45 27.18 20.57
CA ALA A 139 -11.42 25.73 20.48
C ALA A 139 -12.81 25.11 20.65
N LYS A 140 -13.66 25.80 21.39
CA LYS A 140 -15.02 25.34 21.63
C LYS A 140 -15.87 25.51 20.38
N THR A 141 -16.59 24.46 20.00
CA THR A 141 -17.43 24.52 18.82
C THR A 141 -18.70 25.34 19.06
N ILE A 142 -19.18 26.00 18.01
CA ILE A 142 -20.37 26.83 18.11
C ILE A 142 -21.55 26.19 17.38
N ILE A 143 -22.59 25.86 18.14
CA ILE A 143 -23.78 25.25 17.56
C ILE A 143 -24.80 26.31 17.16
N VAL A 144 -25.19 26.29 15.90
CA VAL A 144 -26.15 27.26 15.37
C VAL A 144 -27.49 26.61 15.11
N GLN A 145 -28.57 27.21 15.61
CA GLN A 145 -29.92 26.68 15.40
C GLN A 145 -30.68 27.63 14.48
N LEU A 146 -31.25 27.08 13.40
CA LEU A 146 -31.99 27.88 12.43
C LEU A 146 -33.51 27.74 12.58
N LYS A 147 -34.23 28.83 12.36
CA LYS A 147 -35.68 28.81 12.44
C LYS A 147 -36.33 28.53 11.08
N GLU A 148 -35.60 28.81 10.02
CA GLU A 148 -36.10 28.57 8.66
C GLU A 148 -35.42 27.33 8.09
N SER A 149 -36.21 26.34 7.70
CA SER A 149 -35.69 25.10 7.16
C SER A 149 -35.13 25.23 5.76
N VAL A 150 -33.85 24.91 5.61
CA VAL A 150 -33.18 24.98 4.31
C VAL A 150 -33.13 23.57 3.73
N GLU A 151 -33.94 23.33 2.71
CA GLU A 151 -34.00 22.02 2.09
C GLU A 151 -32.81 21.73 1.19
N ILE A 152 -32.14 20.61 1.44
CA ILE A 152 -30.98 20.21 0.64
C ILE A 152 -31.31 18.89 -0.05
N ASN A 153 -31.08 18.86 -1.36
CA ASN A 153 -31.37 17.67 -2.17
C ASN A 153 -30.14 17.09 -2.86
N CYS A 154 -29.61 16.01 -2.30
CA CYS A 154 -28.44 15.35 -2.88
C CYS A 154 -28.88 14.06 -3.56
N THR A 155 -28.46 13.86 -4.80
CA THR A 155 -28.84 12.66 -5.54
C THR A 155 -27.71 12.11 -6.39
N ARG A 156 -27.92 10.92 -6.95
CA ARG A 156 -26.92 10.28 -7.80
C ARG A 156 -27.64 9.37 -8.80
N PRO A 157 -27.31 9.50 -10.10
CA PRO A 157 -27.87 8.74 -11.21
C PRO A 157 -28.10 7.25 -10.95
N ASN A 158 -28.63 6.55 -11.95
CA ASN A 158 -28.92 5.13 -11.80
C ASN A 158 -28.39 4.23 -12.92
N GLN A 159 -29.17 3.20 -13.24
CA GLN A 159 -28.82 2.21 -14.26
C GLN A 159 -29.22 2.64 -15.68
N ASN A 160 -29.84 3.79 -15.82
CA ASN A 160 -30.27 4.27 -17.13
C ASN A 160 -29.13 4.50 -18.12
N THR A 161 -27.91 4.11 -17.74
CA THR A 161 -26.76 4.27 -18.63
C THR A 161 -27.05 3.49 -19.90
N ARG A 162 -26.96 2.17 -19.81
CA ARG A 162 -27.25 1.30 -20.95
C ARG A 162 -28.58 0.61 -20.69
N LYS A 163 -29.33 0.32 -21.74
CA LYS A 163 -30.64 -0.30 -21.56
C LYS A 163 -30.84 -1.62 -22.30
N SER A 164 -29.95 -1.96 -23.21
CA SER A 164 -30.09 -3.21 -23.96
C SER A 164 -28.77 -3.88 -24.33
N ILE A 165 -28.79 -5.21 -24.36
CA ILE A 165 -27.62 -6.01 -24.70
C ILE A 165 -27.93 -6.80 -25.96
N HIS A 166 -26.90 -7.25 -26.66
CA HIS A 166 -27.08 -8.02 -27.89
C HIS A 166 -26.27 -9.32 -27.88
N ILE A 167 -26.97 -10.44 -28.02
CA ILE A 167 -26.32 -11.75 -28.04
C ILE A 167 -25.83 -12.05 -29.44
N GLY A 168 -24.67 -12.69 -29.51
N GLY A 168 -24.64 -12.64 -29.53
CA GLY A 168 -24.07 -13.07 -30.77
CA GLY A 168 -24.08 -12.95 -30.83
C GLY A 168 -23.28 -14.34 -30.58
C GLY A 168 -23.04 -14.05 -30.79
N PRO A 169 -23.47 -15.34 -31.46
N PRO A 169 -23.16 -15.05 -31.68
CA PRO A 169 -22.74 -16.62 -31.35
CA PRO A 169 -22.22 -16.16 -31.74
C PRO A 169 -21.23 -16.45 -31.29
C PRO A 169 -20.79 -15.69 -31.98
N GLY A 170 -20.75 -15.30 -31.78
N GLY A 170 -20.02 -15.61 -30.91
CA GLY A 170 -19.32 -15.03 -31.77
CA GLY A 170 -18.65 -15.17 -31.02
C GLY A 170 -18.92 -13.79 -30.98
C GLY A 170 -18.51 -13.71 -30.62
N ARG A 171 -19.88 -13.17 -30.30
N ARG A 171 -19.59 -13.14 -30.08
CA ARG A 171 -19.61 -11.98 -29.50
CA ARG A 171 -19.58 -11.76 -29.64
C ARG A 171 -20.78 -11.49 -28.66
C ARG A 171 -20.81 -11.30 -28.88
N ALA A 172 -20.57 -10.36 -27.97
CA ALA A 172 -21.57 -9.73 -27.10
C ALA A 172 -21.42 -8.21 -27.16
N PHE A 173 -22.41 -7.50 -26.63
CA PHE A 173 -22.40 -6.03 -26.66
C PHE A 173 -22.73 -5.41 -25.30
N TYR A 174 -22.22 -4.20 -25.09
CA TYR A 174 -22.46 -3.44 -23.85
C TYR A 174 -21.96 -4.13 -22.58
N THR A 175 -20.65 -4.33 -22.46
CA THR A 175 -20.08 -4.96 -21.28
C THR A 175 -18.67 -4.44 -21.01
N THR A 176 -18.19 -3.56 -21.88
CA THR A 176 -16.86 -2.99 -21.75
C THR A 176 -16.88 -1.57 -21.16
N GLY A 177 -17.64 -1.39 -20.09
CA GLY A 177 -17.73 -0.09 -19.45
C GLY A 177 -16.51 0.15 -18.58
N GLU A 178 -15.62 1.03 -19.03
CA GLU A 178 -14.39 1.33 -18.29
C GLU A 178 -14.30 2.80 -17.93
N ILE A 179 -13.74 3.59 -18.85
CA ILE A 179 -13.55 5.03 -18.67
C ILE A 179 -13.27 5.40 -17.21
N ILE A 180 -12.03 5.16 -16.78
CA ILE A 180 -11.61 5.47 -15.42
C ILE A 180 -12.07 6.86 -15.00
N GLY A 181 -13.26 6.92 -14.41
CA GLY A 181 -13.80 8.20 -13.97
C GLY A 181 -14.42 8.14 -12.59
N ASP A 182 -15.41 9.01 -12.36
CA ASP A 182 -16.09 9.06 -11.07
C ASP A 182 -17.53 8.56 -11.16
N ILE A 183 -17.73 7.31 -10.79
CA ILE A 183 -19.08 6.72 -10.81
C ILE A 183 -19.63 6.77 -9.39
N ARG A 184 -18.78 7.19 -8.46
CA ARG A 184 -19.16 7.31 -7.05
C ARG A 184 -19.38 8.79 -6.76
N GLN A 185 -19.73 9.55 -7.78
CA GLN A 185 -19.95 10.98 -7.64
C GLN A 185 -21.41 11.34 -7.40
N ALA A 186 -21.62 12.37 -6.58
CA ALA A 186 -22.96 12.85 -6.25
C ALA A 186 -22.93 14.37 -6.13
N HIS A 187 -24.11 14.98 -6.04
CA HIS A 187 -24.21 16.42 -5.92
C HIS A 187 -25.46 16.82 -5.15
N CYS A 188 -25.40 17.97 -4.47
CA CYS A 188 -26.54 18.46 -3.70
C CYS A 188 -27.07 19.76 -4.29
N ASN A 189 -28.24 20.18 -3.82
CA ASN A 189 -28.87 21.41 -4.30
C ASN A 189 -29.66 22.12 -3.21
N ILE A 190 -29.43 23.42 -3.07
CA ILE A 190 -30.13 24.24 -2.10
C ILE A 190 -30.50 25.58 -2.70
N SER A 191 -31.49 26.25 -2.11
CA SER A 191 -31.93 27.54 -2.60
C SER A 191 -30.91 28.63 -2.27
N ARG A 192 -30.39 29.27 -3.32
CA ARG A 192 -29.39 30.33 -3.15
C ARG A 192 -29.92 31.51 -2.34
N ALA A 193 -31.18 31.88 -2.58
CA ALA A 193 -31.79 33.00 -1.87
C ALA A 193 -32.06 32.68 -0.40
N LYS A 194 -32.45 31.44 -0.13
CA LYS A 194 -32.74 30.98 1.22
C LYS A 194 -31.47 30.77 2.04
N TRP A 195 -30.42 30.28 1.40
CA TRP A 195 -29.15 30.03 2.09
C TRP A 195 -28.44 31.33 2.47
N ASN A 196 -28.45 32.29 1.56
CA ASN A 196 -27.79 33.57 1.81
C ASN A 196 -28.51 34.35 2.91
N ASP A 197 -29.83 34.18 2.98
CA ASP A 197 -30.62 34.86 3.99
C ASP A 197 -30.37 34.25 5.37
N THR A 198 -30.32 32.93 5.40
CA THR A 198 -30.07 32.24 6.66
C THR A 198 -28.63 32.43 7.08
N LEU A 199 -27.78 32.72 6.09
CA LEU A 199 -26.36 32.94 6.36
C LEU A 199 -26.22 34.31 7.02
N LYS A 200 -27.10 35.23 6.62
CA LYS A 200 -27.11 36.59 7.15
C LYS A 200 -27.56 36.60 8.61
N GLN A 201 -28.59 35.84 8.91
CA GLN A 201 -29.11 35.78 10.27
C GLN A 201 -28.10 35.19 11.24
N ILE A 202 -27.13 34.46 10.71
CA ILE A 202 -26.09 33.88 11.55
C ILE A 202 -25.17 35.02 11.92
N VAL A 203 -24.87 35.85 10.93
CA VAL A 203 -24.01 37.00 11.11
C VAL A 203 -24.65 38.01 12.05
N ILE A 204 -25.94 38.21 11.90
CA ILE A 204 -26.69 39.14 12.74
C ILE A 204 -26.56 38.79 14.22
N LYS A 205 -26.65 37.50 14.51
CA LYS A 205 -26.55 37.03 15.90
C LYS A 205 -25.09 36.87 16.33
N LEU A 206 -24.19 36.66 15.37
CA LEU A 206 -22.78 36.51 15.69
C LEU A 206 -22.16 37.84 16.07
N ARG A 207 -22.61 38.90 15.41
CA ARG A 207 -22.08 40.23 15.69
C ARG A 207 -22.74 40.77 16.95
N GLU A 208 -23.79 40.09 17.39
CA GLU A 208 -24.52 40.49 18.58
C GLU A 208 -23.71 40.04 19.80
N GLN A 209 -22.78 39.11 19.56
CA GLN A 209 -21.92 38.59 20.62
C GLN A 209 -20.51 39.13 20.39
N PHE A 210 -20.19 39.40 19.13
CA PHE A 210 -18.88 39.92 18.75
C PHE A 210 -19.00 41.10 17.78
N GLU A 211 -19.29 42.27 18.32
CA GLU A 211 -19.44 43.47 17.51
C GLU A 211 -18.10 44.20 17.39
N ASN A 212 -18.03 45.15 16.45
CA ASN A 212 -16.80 45.88 16.19
C ASN A 212 -15.73 44.92 15.67
N LYS A 213 -16.20 43.89 14.97
CA LYS A 213 -15.33 42.88 14.38
C LYS A 213 -15.91 42.57 13.02
N THR A 214 -15.15 41.84 12.20
CA THR A 214 -15.63 41.47 10.88
C THR A 214 -15.79 39.95 10.72
N ILE A 215 -17.02 39.50 10.51
CA ILE A 215 -17.30 38.08 10.34
C ILE A 215 -17.06 37.58 8.92
N VAL A 216 -16.06 36.71 8.76
CA VAL A 216 -15.72 36.15 7.45
C VAL A 216 -15.90 34.64 7.46
N PHE A 217 -16.42 34.09 6.37
CA PHE A 217 -16.63 32.65 6.27
C PHE A 217 -15.68 32.02 5.27
N ASN A 218 -14.90 31.05 5.74
CA ASN A 218 -13.92 30.39 4.91
C ASN A 218 -14.10 28.87 4.95
N HIS A 219 -13.41 28.17 4.06
CA HIS A 219 -13.49 26.71 4.02
C HIS A 219 -12.81 26.07 5.23
N SER A 220 -12.83 24.75 5.30
CA SER A 220 -12.20 24.04 6.42
C SER A 220 -10.69 24.14 6.30
N SER A 221 -10.03 24.46 7.42
CA SER A 221 -8.58 24.59 7.45
C SER A 221 -7.80 23.31 7.15
N GLY A 222 -8.43 22.15 7.31
CA GLY A 222 -7.73 20.91 7.03
C GLY A 222 -8.04 19.77 7.98
N GLY A 223 -7.59 18.57 7.63
CA GLY A 223 -7.82 17.42 8.48
C GLY A 223 -8.43 16.25 7.73
N ASP A 224 -9.11 15.36 8.45
CA ASP A 224 -9.74 14.20 7.83
C ASP A 224 -10.88 14.65 6.92
N PRO A 225 -10.99 14.01 5.74
CA PRO A 225 -12.02 14.32 4.75
C PRO A 225 -13.44 14.39 5.32
N GLU A 226 -13.65 13.76 6.47
CA GLU A 226 -14.96 13.78 7.09
C GLU A 226 -15.32 15.16 7.65
N ILE A 227 -14.31 15.91 8.04
CA ILE A 227 -14.54 17.24 8.59
C ILE A 227 -14.47 18.28 7.49
N VAL A 228 -13.48 18.12 6.61
CA VAL A 228 -13.29 19.03 5.49
C VAL A 228 -14.51 19.08 4.59
N MET A 229 -15.17 17.94 4.41
CA MET A 229 -16.34 17.89 3.56
C MET A 229 -17.60 17.51 4.34
N HIS A 230 -18.74 18.02 3.91
CA HIS A 230 -20.01 17.71 4.57
C HIS A 230 -20.30 16.23 4.39
N SER A 231 -19.98 15.43 5.40
CA SER A 231 -20.19 13.99 5.33
C SER A 231 -21.49 13.51 5.96
N PHE A 232 -22.21 12.65 5.24
CA PHE A 232 -23.46 12.09 5.73
C PHE A 232 -23.74 10.75 5.04
N ASN A 233 -24.75 10.04 5.50
CA ASN A 233 -25.09 8.75 4.92
C ASN A 233 -26.58 8.50 4.77
N CYS A 234 -26.99 8.07 3.58
CA CYS A 234 -28.38 7.79 3.28
C CYS A 234 -28.43 6.69 2.20
N GLY A 235 -29.08 5.57 2.51
CA GLY A 235 -29.16 4.49 1.55
C GLY A 235 -28.04 3.47 1.74
N GLY A 236 -27.05 3.84 2.52
CA GLY A 236 -25.93 2.95 2.78
C GLY A 236 -24.63 3.49 2.23
N GLU A 237 -24.70 4.63 1.55
CA GLU A 237 -23.51 5.24 0.98
C GLU A 237 -23.06 6.47 1.77
N PHE A 238 -21.76 6.63 1.92
CA PHE A 238 -21.22 7.77 2.65
C PHE A 238 -20.84 8.91 1.73
N PHE A 239 -21.61 9.99 1.77
CA PHE A 239 -21.36 11.16 0.93
C PHE A 239 -20.31 12.10 1.52
N TYR A 240 -19.59 12.79 0.64
CA TYR A 240 -18.57 13.75 1.07
C TYR A 240 -18.66 14.99 0.18
N CYS A 241 -19.61 15.87 0.46
CA CYS A 241 -19.84 17.09 -0.33
C CYS A 241 -18.92 18.23 0.11
N ASN A 242 -18.34 18.92 -0.87
CA ASN A 242 -17.44 20.03 -0.62
C ASN A 242 -18.21 21.29 -0.22
N SER A 243 -18.01 21.73 1.02
CA SER A 243 -18.70 22.91 1.53
C SER A 243 -17.84 24.17 1.41
N ALA A 244 -17.08 24.27 0.32
CA ALA A 244 -16.22 25.42 0.11
C ALA A 244 -17.03 26.64 -0.33
N GLN A 245 -17.95 26.44 -1.26
CA GLN A 245 -18.77 27.53 -1.77
C GLN A 245 -19.85 27.95 -0.78
N LEU A 246 -20.36 26.99 0.00
CA LEU A 246 -21.39 27.29 0.99
C LEU A 246 -20.93 28.31 2.02
N PHE A 247 -19.68 28.17 2.46
CA PHE A 247 -19.14 29.09 3.45
C PHE A 247 -18.02 29.94 2.87
N ASN A 248 -18.37 30.81 1.94
CA ASN A 248 -17.41 31.69 1.30
C ASN A 248 -18.02 33.07 1.07
N SER A 249 -17.96 33.92 2.08
CA SER A 249 -18.52 35.27 1.97
C SER A 249 -18.04 36.14 3.12
N THR A 250 -17.76 37.40 2.84
CA THR A 250 -17.29 38.33 3.86
C THR A 250 -18.42 39.24 4.31
N TRP A 251 -18.54 39.44 5.61
CA TRP A 251 -19.59 40.30 6.14
C TRP A 251 -19.04 41.34 7.11
N ASN A 252 -19.12 42.61 6.72
CA ASN A 252 -18.65 43.71 7.54
C ASN A 252 -19.40 44.99 7.17
N ASN A 253 -20.20 44.90 6.12
CA ASN A 253 -20.97 46.03 5.64
C ASN A 253 -21.96 45.58 4.57
N ASN A 254 -22.99 44.85 4.98
CA ASN A 254 -24.00 44.34 4.07
C ASN A 254 -25.31 44.06 4.80
N THR A 255 -26.21 45.03 4.79
CA THR A 255 -27.50 44.88 5.46
C THR A 255 -28.61 45.59 4.67
N GLU A 256 -29.16 44.91 3.67
CA GLU A 256 -30.22 45.47 2.84
C GLU A 256 -31.34 44.46 2.66
N GLY A 257 -31.42 43.87 1.47
CA GLY A 257 -32.44 42.87 1.20
C GLY A 257 -33.56 43.37 0.29
N SER A 258 -33.57 42.88 -0.94
CA SER A 258 -34.59 43.26 -1.92
C SER A 258 -34.82 42.14 -2.93
N ASN A 259 -33.83 41.91 -3.79
CA ASN A 259 -33.90 40.86 -4.81
C ASN A 259 -32.71 40.93 -5.75
N ASN A 260 -31.88 39.89 -5.71
CA ASN A 260 -30.69 39.80 -6.57
C ASN A 260 -30.45 38.36 -7.01
N THR A 261 -30.22 38.17 -8.30
CA THR A 261 -29.98 36.84 -8.86
C THR A 261 -28.52 36.61 -9.24
N GLU A 262 -27.99 35.46 -8.84
CA GLU A 262 -26.62 35.08 -9.13
C GLU A 262 -26.44 33.57 -8.96
N GLY A 263 -26.49 32.85 -10.07
CA GLY A 263 -26.34 31.40 -10.01
C GLY A 263 -27.60 30.73 -9.50
N ASN A 264 -28.52 30.44 -10.42
CA ASN A 264 -29.80 29.80 -10.11
C ASN A 264 -29.78 29.13 -8.74
N THR A 265 -29.34 27.87 -8.70
CA THR A 265 -29.25 27.12 -7.46
C THR A 265 -27.84 26.52 -7.38
N ILE A 266 -27.19 26.72 -6.25
CA ILE A 266 -25.83 26.23 -6.05
C ILE A 266 -25.75 24.71 -5.92
N THR A 267 -24.78 24.10 -6.59
CA THR A 267 -24.59 22.65 -6.55
C THR A 267 -23.29 22.27 -5.86
N LEU A 268 -23.38 21.32 -4.93
CA LEU A 268 -22.22 20.85 -4.17
C LEU A 268 -21.54 19.62 -4.77
N PRO A 269 -20.20 19.68 -4.90
CA PRO A 269 -19.43 18.56 -5.45
C PRO A 269 -19.35 17.47 -4.39
N CYS A 270 -20.01 16.34 -4.61
CA CYS A 270 -19.98 15.28 -3.61
C CYS A 270 -19.37 13.99 -4.14
N ARG A 271 -18.87 13.16 -3.23
CA ARG A 271 -18.27 11.88 -3.62
C ARG A 271 -18.55 10.78 -2.61
N ILE A 272 -18.99 9.63 -3.12
CA ILE A 272 -19.28 8.46 -2.28
C ILE A 272 -17.98 7.69 -2.09
N LYS A 273 -17.70 7.29 -0.85
CA LYS A 273 -16.45 6.58 -0.58
C LYS A 273 -16.64 5.23 0.10
N GLN A 274 -15.62 4.37 -0.03
CA GLN A 274 -15.64 3.04 0.58
C GLN A 274 -14.84 3.03 1.88
N ILE A 275 -13.63 3.55 1.83
CA ILE A 275 -12.78 3.62 3.01
C ILE A 275 -13.22 4.83 3.80
N ILE A 276 -13.68 4.59 5.02
CA ILE A 276 -14.18 5.65 5.89
C ILE A 276 -13.48 5.73 7.22
N ASN A 277 -13.35 6.94 7.74
CA ASN A 277 -12.74 7.14 9.06
C ASN A 277 -13.91 7.07 10.04
N MET A 278 -13.86 6.12 10.97
CA MET A 278 -14.94 5.93 11.93
C MET A 278 -15.15 7.06 12.92
N TRP A 279 -16.42 7.36 13.21
CA TRP A 279 -16.78 8.41 14.15
C TRP A 279 -17.03 7.85 15.55
N GLN A 280 -17.44 6.59 15.62
CA GLN A 280 -17.71 5.96 16.90
C GLN A 280 -16.42 5.84 17.72
N GLU A 281 -15.43 5.17 17.13
CA GLU A 281 -14.15 5.00 17.80
C GLU A 281 -13.01 5.32 16.85
N VAL A 282 -11.84 5.61 17.38
CA VAL A 282 -10.70 5.92 16.53
C VAL A 282 -10.40 4.72 15.63
N GLY A 283 -10.32 4.95 14.33
CA GLY A 283 -10.04 3.87 13.41
C GLY A 283 -10.62 4.09 12.02
N LYS A 284 -10.58 3.07 11.19
CA LYS A 284 -11.11 3.16 9.83
C LYS A 284 -12.08 2.03 9.53
N ALA A 285 -12.72 2.10 8.37
CA ALA A 285 -13.68 1.09 7.97
C ALA A 285 -13.74 0.99 6.45
N MET A 286 -14.11 -0.18 5.96
CA MET A 286 -14.21 -0.43 4.52
C MET A 286 -15.58 -0.99 4.18
N TYR A 287 -16.30 -0.31 3.28
CA TYR A 287 -17.63 -0.78 2.88
C TYR A 287 -17.67 -1.27 1.43
N ALA A 288 -18.78 -1.88 1.05
CA ALA A 288 -18.95 -2.41 -0.30
C ALA A 288 -19.15 -1.30 -1.33
N PRO A 289 -18.92 -1.61 -2.62
CA PRO A 289 -19.08 -0.65 -3.71
C PRO A 289 -20.52 -0.13 -3.79
N PRO A 290 -20.71 1.10 -4.31
CA PRO A 290 -22.01 1.74 -4.45
C PRO A 290 -23.10 0.85 -5.03
N ILE A 291 -24.34 1.10 -4.63
CA ILE A 291 -25.48 0.33 -5.10
C ILE A 291 -25.76 0.64 -6.58
N ARG A 292 -26.29 -0.34 -7.29
CA ARG A 292 -26.58 -0.19 -8.71
C ARG A 292 -27.69 0.83 -9.03
N GLY A 293 -28.70 0.92 -8.16
CA GLY A 293 -29.79 1.85 -8.40
C GLY A 293 -29.47 3.30 -8.12
N GLN A 294 -30.49 4.14 -8.30
CA GLN A 294 -30.38 5.58 -8.07
C GLN A 294 -30.57 5.92 -6.60
N ILE A 295 -29.78 6.87 -6.10
CA ILE A 295 -29.84 7.29 -4.71
C ILE A 295 -30.31 8.73 -4.60
N ARG A 296 -31.52 8.90 -4.06
CA ARG A 296 -32.11 10.23 -3.91
C ARG A 296 -32.36 10.51 -2.42
N CYS A 297 -31.85 11.63 -1.91
CA CYS A 297 -32.05 11.98 -0.51
C CYS A 297 -32.41 13.46 -0.35
N SER A 298 -33.33 13.75 0.57
CA SER A 298 -33.77 15.13 0.84
C SER A 298 -33.91 15.37 2.34
N SER A 299 -33.37 16.48 2.81
CA SER A 299 -33.43 16.82 4.22
C SER A 299 -33.41 18.34 4.44
N ASN A 300 -33.80 18.75 5.65
CA ASN A 300 -33.85 20.17 6.01
C ASN A 300 -32.70 20.56 6.93
N ILE A 301 -31.86 21.49 6.47
CA ILE A 301 -30.75 21.96 7.27
C ILE A 301 -31.30 22.83 8.39
N THR A 302 -31.53 22.21 9.54
CA THR A 302 -32.08 22.93 10.68
C THR A 302 -31.03 23.63 11.51
N GLY A 303 -29.76 23.43 11.18
CA GLY A 303 -28.68 24.07 11.93
C GLY A 303 -27.32 23.74 11.36
N LEU A 304 -26.27 24.21 12.01
CA LEU A 304 -24.91 23.94 11.57
C LEU A 304 -23.90 24.13 12.69
N LEU A 305 -22.65 23.72 12.43
CA LEU A 305 -21.58 23.84 13.42
C LEU A 305 -20.47 24.74 12.88
N LEU A 306 -19.95 25.61 13.73
CA LEU A 306 -18.89 26.52 13.33
C LEU A 306 -17.77 26.64 14.36
N THR A 307 -16.56 26.90 13.89
CA THR A 307 -15.39 27.05 14.75
C THR A 307 -14.62 28.28 14.28
N ARG A 308 -14.63 29.34 15.09
CA ARG A 308 -13.95 30.58 14.74
C ARG A 308 -12.44 30.54 14.96
N ASP A 309 -11.72 31.34 14.17
CA ASP A 309 -10.26 31.42 14.28
C ASP A 309 -9.88 32.38 15.39
N GLY A 310 -9.06 31.90 16.33
CA GLY A 310 -8.65 32.74 17.45
C GLY A 310 -7.40 33.55 17.15
N GLY A 311 -6.40 33.45 18.02
CA GLY A 311 -5.17 34.18 17.83
C GLY A 311 -5.21 35.56 18.46
N ILE A 312 -4.18 35.90 19.21
CA ILE A 312 -4.09 37.20 19.85
C ILE A 312 -3.71 38.26 18.82
N ASN A 313 -3.26 37.80 17.65
CA ASN A 313 -2.88 38.71 16.57
C ASN A 313 -4.13 39.37 16.00
N GLU A 314 -4.13 40.70 15.95
CA GLU A 314 -5.29 41.45 15.46
C GLU A 314 -5.28 41.72 13.95
N ASN A 315 -6.48 41.85 13.39
CA ASN A 315 -6.64 42.12 11.97
C ASN A 315 -8.01 42.78 11.75
N GLY A 316 -8.87 42.70 12.76
CA GLY A 316 -10.19 43.28 12.67
C GLY A 316 -11.19 42.28 12.13
N THR A 317 -10.69 41.16 11.64
CA THR A 317 -11.54 40.11 11.08
C THR A 317 -11.47 38.83 11.90
N GLU A 318 -12.65 38.30 12.21
CA GLU A 318 -12.76 37.04 12.95
C GLU A 318 -13.36 36.03 11.99
N ILE A 319 -12.54 35.11 11.53
CA ILE A 319 -12.96 34.08 10.57
C ILE A 319 -13.78 32.96 11.20
N PHE A 320 -14.79 32.49 10.48
CA PHE A 320 -15.64 31.40 10.95
C PHE A 320 -15.68 30.24 9.96
N ARG A 321 -15.02 29.14 10.32
CA ARG A 321 -14.97 27.96 9.47
C ARG A 321 -15.92 26.88 9.99
N PRO A 322 -16.42 26.00 9.09
CA PRO A 322 -17.35 24.93 9.48
C PRO A 322 -16.66 23.89 10.36
N GLY A 323 -17.17 23.70 11.58
CA GLY A 323 -16.58 22.72 12.48
C GLY A 323 -17.23 21.36 12.29
N GLY A 324 -17.57 20.72 13.39
CA GLY A 324 -18.20 19.41 13.31
C GLY A 324 -17.24 18.26 13.45
N GLY A 325 -17.78 17.07 13.67
CA GLY A 325 -16.94 15.89 13.83
C GLY A 325 -17.39 15.08 15.01
N ASP A 326 -17.35 15.69 16.18
CA ASP A 326 -17.77 15.03 17.40
C ASP A 326 -19.30 14.96 17.39
N MET A 327 -19.84 13.76 17.22
CA MET A 327 -21.28 13.57 17.16
C MET A 327 -22.03 13.87 18.44
N ARG A 328 -21.32 14.22 19.52
CA ARG A 328 -21.99 14.52 20.78
C ARG A 328 -22.74 15.84 20.63
N ASP A 329 -22.17 16.74 19.84
CA ASP A 329 -22.74 18.04 19.58
C ASP A 329 -24.02 17.95 18.77
N ASN A 330 -24.15 16.89 17.97
CA ASN A 330 -25.35 16.72 17.14
C ASN A 330 -26.60 16.48 17.98
N TRP A 331 -26.43 15.74 19.07
CA TRP A 331 -27.55 15.44 19.94
C TRP A 331 -27.67 16.54 20.99
N ARG A 332 -26.58 17.30 21.16
CA ARG A 332 -26.57 18.39 22.14
C ARG A 332 -27.45 19.52 21.65
N SER A 333 -27.60 19.63 20.33
CA SER A 333 -28.42 20.67 19.74
C SER A 333 -29.89 20.38 19.96
N GLU A 334 -30.20 19.13 20.29
CA GLU A 334 -31.57 18.71 20.53
C GLU A 334 -31.89 18.53 22.00
N LEU A 335 -30.89 18.08 22.77
CA LEU A 335 -31.07 17.86 24.20
C LEU A 335 -30.55 19.00 25.05
N TYR A 336 -30.45 20.19 24.47
CA TYR A 336 -29.95 21.36 25.22
C TYR A 336 -30.95 21.80 26.28
N LYS A 337 -32.24 21.69 25.96
CA LYS A 337 -33.28 22.09 26.89
C LYS A 337 -33.82 20.91 27.68
N TYR A 338 -32.96 19.96 28.02
CA TYR A 338 -33.38 18.78 28.79
C TYR A 338 -32.37 18.40 29.87
N LYS A 339 -32.88 17.93 31.00
CA LYS A 339 -32.04 17.51 32.11
C LYS A 339 -32.77 16.45 32.92
N VAL A 340 -32.22 15.25 32.97
CA VAL A 340 -32.85 14.17 33.72
C VAL A 340 -32.75 14.48 35.21
N VAL A 341 -33.75 14.10 36.00
CA VAL A 341 -33.72 14.40 37.43
C VAL A 341 -34.32 13.31 38.32
N LYS A 342 -33.87 13.26 39.57
CA LYS A 342 -34.38 12.30 40.54
C LYS A 342 -35.71 12.85 41.03
N ILE A 343 -36.70 11.99 41.18
CA ILE A 343 -38.01 12.44 41.63
C ILE A 343 -38.00 12.92 43.09
N GLU A 344 -37.09 13.85 43.38
CA GLU A 344 -36.95 14.43 44.71
C GLU A 344 -36.32 15.81 44.60
N LYS B 1 6.39 24.78 31.84
CA LYS B 1 7.85 25.09 31.85
C LYS B 1 8.66 23.90 31.34
N LYS B 2 8.52 23.61 30.04
CA LYS B 2 9.23 22.49 29.43
C LYS B 2 10.11 22.97 28.27
N VAL B 3 11.27 22.35 28.12
CA VAL B 3 12.20 22.71 27.07
C VAL B 3 12.48 21.54 26.13
N VAL B 4 12.17 21.72 24.86
CA VAL B 4 12.38 20.69 23.85
C VAL B 4 13.14 21.26 22.67
N LEU B 5 14.35 20.76 22.42
CA LEU B 5 15.17 21.23 21.31
C LEU B 5 14.85 20.47 20.02
N GLY B 6 15.32 21.00 18.89
CA GLY B 6 15.06 20.33 17.63
C GLY B 6 16.00 20.73 16.50
N LYS B 7 16.33 19.77 15.64
CA LYS B 7 17.19 20.01 14.50
C LYS B 7 16.37 20.51 13.31
N LYS B 8 16.98 21.33 12.47
CA LYS B 8 16.29 21.86 11.31
C LYS B 8 16.16 20.79 10.23
N GLY B 9 14.93 20.53 9.81
CA GLY B 9 14.70 19.53 8.78
C GLY B 9 14.16 18.22 9.32
N ASP B 10 14.78 17.75 10.41
CA ASP B 10 14.37 16.49 11.03
C ASP B 10 13.03 16.63 11.76
N THR B 11 12.28 15.54 11.81
CA THR B 11 10.97 15.53 12.48
C THR B 11 11.12 15.62 14.00
N VAL B 12 10.09 16.14 14.66
CA VAL B 12 10.10 16.29 16.12
C VAL B 12 8.75 15.90 16.71
N GLU B 13 8.71 15.61 18.00
CA GLU B 13 7.46 15.21 18.65
C GLU B 13 7.19 15.94 19.96
N LEU B 14 5.99 16.51 20.07
CA LEU B 14 5.57 17.23 21.27
C LEU B 14 4.52 16.39 22.01
N THR B 15 4.72 16.20 23.31
CA THR B 15 3.81 15.38 24.11
C THR B 15 2.71 16.10 24.87
N CYS B 16 1.64 15.34 25.15
CA CYS B 16 0.46 15.83 25.90
C CYS B 16 -0.18 14.59 26.50
N THR B 17 -0.21 14.51 27.82
CA THR B 17 -0.78 13.34 28.49
C THR B 17 -1.85 13.70 29.52
N ALA B 18 -2.92 12.90 29.54
CA ALA B 18 -4.02 13.12 30.48
C ALA B 18 -4.08 12.01 31.53
N SER B 19 -4.77 12.27 32.64
CA SER B 19 -4.89 11.29 33.70
C SER B 19 -5.83 10.15 33.29
N GLN B 20 -6.88 10.49 32.55
CA GLN B 20 -7.85 9.50 32.08
C GLN B 20 -7.25 8.63 30.98
N LYS B 21 -7.54 7.33 31.03
CA LYS B 21 -7.03 6.40 30.03
C LYS B 21 -7.95 6.28 28.83
N LYS B 22 -8.92 7.17 28.72
CA LYS B 22 -9.87 7.15 27.60
C LYS B 22 -9.34 8.08 26.49
N SER B 23 -10.27 8.75 25.82
CA SER B 23 -9.90 9.66 24.74
C SER B 23 -10.85 10.86 24.72
N ILE B 24 -10.51 11.89 25.49
CA ILE B 24 -11.32 13.09 25.55
C ILE B 24 -10.76 14.15 24.59
N GLN B 25 -11.53 15.20 24.34
CA GLN B 25 -11.12 16.26 23.42
C GLN B 25 -9.87 17.06 23.84
N PHE B 26 -8.99 17.31 22.87
CA PHE B 26 -7.77 18.08 23.13
C PHE B 26 -7.48 19.01 21.97
N HIS B 27 -6.82 20.14 22.26
CA HIS B 27 -6.48 21.11 21.24
C HIS B 27 -5.09 21.70 21.44
N TRP B 28 -4.35 21.90 20.35
CA TRP B 28 -3.01 22.46 20.41
C TRP B 28 -2.96 23.88 19.83
N LYS B 29 -2.33 24.79 20.57
CA LYS B 29 -2.21 26.19 20.14
C LYS B 29 -0.80 26.73 20.42
N ASN B 30 -0.41 27.78 19.69
CA ASN B 30 0.91 28.38 19.87
C ASN B 30 0.89 29.45 20.95
N SER B 31 1.97 30.22 21.04
CA SER B 31 2.06 31.27 22.05
C SER B 31 1.05 32.37 21.80
N ASN B 32 0.68 32.57 20.54
CA ASN B 32 -0.28 33.59 20.16
C ASN B 32 -1.68 32.96 20.22
N GLN B 33 -1.71 31.68 20.57
CA GLN B 33 -2.94 30.90 20.69
C GLN B 33 -3.75 30.76 19.42
N ILE B 34 -3.09 30.33 18.34
CA ILE B 34 -3.76 30.11 17.06
C ILE B 34 -3.87 28.60 16.89
N LYS B 35 -5.02 28.12 16.41
CA LYS B 35 -5.21 26.69 16.23
C LYS B 35 -4.22 26.01 15.30
N ILE B 36 -3.58 24.96 15.81
CA ILE B 36 -2.60 24.19 15.06
C ILE B 36 -3.18 22.83 14.74
N LEU B 37 -3.60 22.12 15.78
CA LEU B 37 -4.15 20.78 15.62
C LEU B 37 -5.11 20.46 16.78
N GLY B 38 -6.09 19.59 16.50
CA GLY B 38 -7.06 19.22 17.53
C GLY B 38 -7.79 17.96 17.14
N ASN B 39 -8.84 17.62 17.88
CA ASN B 39 -9.61 16.42 17.57
C ASN B 39 -11.09 16.57 17.91
N GLN B 40 -11.93 15.94 17.09
CA GLN B 40 -13.36 15.98 17.31
C GLN B 40 -13.85 14.56 17.59
N GLY B 41 -13.46 14.03 18.74
CA GLY B 41 -13.84 12.68 19.10
C GLY B 41 -12.93 11.66 18.49
N SER B 42 -13.20 11.29 17.25
CA SER B 42 -12.37 10.31 16.55
C SER B 42 -11.84 10.89 15.25
N PHE B 43 -11.77 12.22 15.17
CA PHE B 43 -11.28 12.88 13.98
C PHE B 43 -10.16 13.88 14.25
N LEU B 44 -9.20 13.94 13.34
CA LEU B 44 -8.07 14.85 13.46
C LEU B 44 -8.37 16.14 12.70
N THR B 45 -8.43 17.26 13.42
CA THR B 45 -8.71 18.54 12.79
C THR B 45 -7.47 19.44 12.79
N LYS B 46 -7.12 19.97 11.62
CA LYS B 46 -5.96 20.85 11.51
C LYS B 46 -6.39 22.32 11.54
N GLY B 47 -5.56 23.17 12.16
CA GLY B 47 -5.88 24.58 12.25
C GLY B 47 -5.23 25.46 11.21
N PRO B 48 -5.70 26.70 11.03
CA PRO B 48 -5.18 27.67 10.06
C PRO B 48 -3.82 28.21 10.49
N SER B 49 -2.77 27.41 10.31
CA SER B 49 -1.45 27.84 10.70
C SER B 49 -0.40 27.46 9.66
N LYS B 50 0.84 27.87 9.92
CA LYS B 50 1.94 27.58 9.02
C LYS B 50 2.35 26.12 9.15
N LEU B 51 1.98 25.50 10.27
CA LEU B 51 2.31 24.10 10.51
C LEU B 51 1.32 23.16 9.83
N ASN B 52 0.15 23.69 9.50
CA ASN B 52 -0.91 22.91 8.86
C ASN B 52 -0.45 21.88 7.83
N ASP B 53 0.51 22.25 7.00
CA ASP B 53 1.02 21.34 5.96
C ASP B 53 1.97 20.29 6.49
N ARG B 54 2.66 20.59 7.58
CA ARG B 54 3.63 19.65 8.16
C ARG B 54 3.31 19.18 9.57
N ALA B 55 2.05 19.27 10.00
CA ALA B 55 1.68 18.85 11.34
C ALA B 55 0.67 17.70 11.34
N ASP B 56 0.85 16.77 12.27
CA ASP B 56 -0.04 15.62 12.39
C ASP B 56 0.06 15.04 13.79
N SER B 57 -0.67 13.96 14.03
CA SER B 57 -0.66 13.30 15.33
C SER B 57 -1.08 11.85 15.16
N ARG B 58 -0.38 10.93 15.82
CA ARG B 58 -0.72 9.52 15.71
C ARG B 58 -2.04 9.24 16.45
N ARG B 59 -3.07 8.90 15.69
CA ARG B 59 -4.39 8.62 16.24
C ARG B 59 -4.44 7.38 17.13
N SER B 60 -3.45 6.49 16.98
CA SER B 60 -3.41 5.27 17.77
C SER B 60 -3.36 5.51 19.28
N LEU B 61 -2.50 6.43 19.70
CA LEU B 61 -2.33 6.77 21.11
C LEU B 61 -3.51 7.48 21.76
N TRP B 62 -4.38 8.07 20.95
CA TRP B 62 -5.53 8.80 21.46
C TRP B 62 -6.36 8.01 22.47
N ASP B 63 -6.84 6.84 22.07
CA ASP B 63 -7.65 6.01 22.95
C ASP B 63 -6.91 5.45 24.15
N GLN B 64 -5.58 5.56 24.13
CA GLN B 64 -4.77 5.04 25.23
C GLN B 64 -4.70 6.08 26.35
N GLY B 65 -4.68 7.35 25.98
CA GLY B 65 -4.63 8.40 26.99
C GLY B 65 -3.88 9.65 26.58
N ASN B 66 -2.74 9.48 25.93
CA ASN B 66 -1.93 10.62 25.51
C ASN B 66 -2.15 11.00 24.05
N PHE B 67 -1.88 12.25 23.72
CA PHE B 67 -2.05 12.76 22.37
C PHE B 67 -0.79 13.52 21.93
N PRO B 68 -0.03 12.96 20.99
CA PRO B 68 1.21 13.56 20.47
C PRO B 68 0.99 14.73 19.51
N LEU B 69 2.10 15.29 19.02
CA LEU B 69 2.06 16.42 18.10
C LEU B 69 3.38 16.46 17.34
N ILE B 70 3.40 15.89 16.14
CA ILE B 70 4.62 15.85 15.33
C ILE B 70 4.69 16.98 14.33
N ILE B 71 5.91 17.37 13.99
CA ILE B 71 6.16 18.45 13.03
C ILE B 71 7.29 18.03 12.09
N LYS B 72 6.93 17.68 10.86
CA LYS B 72 7.92 17.25 9.86
C LYS B 72 8.54 18.39 9.06
N ASN B 73 9.68 18.12 8.43
CA ASN B 73 10.39 19.13 7.63
C ASN B 73 10.57 20.41 8.44
N LEU B 74 10.98 20.24 9.69
CA LEU B 74 11.19 21.34 10.64
C LEU B 74 11.98 22.53 10.09
N LYS B 75 11.55 23.73 10.49
CA LYS B 75 12.18 24.98 10.08
C LYS B 75 12.33 25.86 11.32
N ILE B 76 13.25 26.82 11.24
CA ILE B 76 13.50 27.72 12.36
C ILE B 76 12.33 28.65 12.65
N GLU B 77 11.52 28.92 11.64
CA GLU B 77 10.36 29.80 11.79
C GLU B 77 9.26 29.17 12.65
N ASP B 78 9.41 27.88 12.93
CA ASP B 78 8.44 27.16 13.72
C ASP B 78 8.71 27.22 15.21
N SER B 79 9.85 27.79 15.59
CA SER B 79 10.22 27.89 16.99
C SER B 79 9.21 28.75 17.75
N ASP B 80 8.46 28.13 18.67
CA ASP B 80 7.47 28.87 19.44
C ASP B 80 7.10 28.10 20.70
N THR B 81 6.26 28.68 21.55
CA THR B 81 5.82 28.02 22.77
C THR B 81 4.44 27.43 22.50
N TYR B 82 4.22 26.17 22.89
CA TYR B 82 2.94 25.51 22.64
C TYR B 82 2.20 25.07 23.90
N ILE B 83 0.88 24.89 23.76
CA ILE B 83 0.03 24.45 24.86
C ILE B 83 -0.90 23.32 24.43
N CYS B 84 -1.51 22.66 25.41
CA CYS B 84 -2.42 21.55 25.13
C CYS B 84 -3.64 21.68 26.05
N GLU B 85 -4.84 21.70 25.47
CA GLU B 85 -6.05 21.83 26.28
C GLU B 85 -6.74 20.51 26.54
N VAL B 86 -6.42 19.89 27.67
CA VAL B 86 -7.02 18.61 28.03
C VAL B 86 -7.37 18.57 29.52
N GLU B 87 -8.56 18.05 29.83
CA GLU B 87 -9.06 17.97 31.21
C GLU B 87 -9.00 19.33 31.91
N ASP B 88 -9.29 20.39 31.15
CA ASP B 88 -9.29 21.74 31.67
C ASP B 88 -7.92 22.16 32.21
N GLN B 89 -6.88 21.54 31.67
CA GLN B 89 -5.51 21.83 32.06
C GLN B 89 -4.76 22.43 30.87
N LYS B 90 -3.69 23.18 31.14
CA LYS B 90 -2.89 23.77 30.07
C LYS B 90 -1.44 23.30 30.11
N GLU B 91 -1.14 22.21 29.42
CA GLU B 91 0.25 21.73 29.40
C GLU B 91 1.09 22.57 28.46
N GLU B 92 1.95 23.40 29.04
CA GLU B 92 2.81 24.29 28.27
C GLU B 92 4.17 23.68 27.97
N VAL B 93 4.65 23.88 26.75
CA VAL B 93 5.96 23.37 26.34
C VAL B 93 6.58 24.29 25.29
N GLN B 94 7.78 24.80 25.61
CA GLN B 94 8.52 25.71 24.74
C GLN B 94 9.41 24.95 23.77
N LEU B 95 9.25 25.22 22.49
CA LEU B 95 10.04 24.57 21.45
C LEU B 95 11.07 25.54 20.91
N LEU B 96 12.34 25.19 21.04
CA LEU B 96 13.42 26.03 20.56
C LEU B 96 14.20 25.21 19.54
N VAL B 97 14.07 25.53 18.26
CA VAL B 97 14.76 24.79 17.22
C VAL B 97 15.92 25.56 16.60
N PHE B 98 17.02 24.86 16.32
CA PHE B 98 18.20 25.49 15.74
C PHE B 98 18.67 24.82 14.46
N GLY B 99 19.58 25.48 13.75
CA GLY B 99 20.11 24.94 12.50
C GLY B 99 21.57 25.31 12.28
N LEU B 100 22.20 24.67 11.30
CA LEU B 100 23.60 24.93 10.99
C LEU B 100 23.80 25.16 9.50
N THR B 101 24.60 26.16 9.16
CA THR B 101 24.88 26.47 7.76
C THR B 101 26.36 26.72 7.56
N ALA B 102 26.93 26.07 6.55
CA ALA B 102 28.35 26.23 6.24
C ALA B 102 28.54 27.22 5.11
N ASN B 103 29.20 28.34 5.43
CA ASN B 103 29.45 29.38 4.44
C ASN B 103 30.64 29.06 3.54
N SER B 104 31.68 28.49 4.13
CA SER B 104 32.88 28.13 3.37
C SER B 104 32.60 26.98 2.38
N ASP B 105 33.41 26.88 1.33
CA ASP B 105 33.26 25.84 0.32
C ASP B 105 33.26 24.43 0.88
N THR B 106 32.49 23.54 0.25
CA THR B 106 32.41 22.15 0.68
C THR B 106 33.74 21.43 0.48
N HIS B 107 34.51 21.89 -0.52
CA HIS B 107 35.83 21.32 -0.79
C HIS B 107 36.88 22.38 -0.45
N LEU B 108 37.27 22.44 0.82
CA LEU B 108 38.26 23.41 1.29
C LEU B 108 39.67 23.11 0.82
N LEU B 109 40.47 24.17 0.69
CA LEU B 109 41.86 24.07 0.24
C LEU B 109 42.82 23.67 1.38
N GLN B 110 44.08 23.47 1.02
CA GLN B 110 45.11 23.07 1.98
C GLN B 110 45.52 24.21 2.91
N GLY B 111 45.10 24.14 4.16
CA GLY B 111 45.44 25.16 5.14
C GLY B 111 44.65 26.45 4.98
N GLN B 112 43.34 26.37 5.15
CA GLN B 112 42.47 27.55 5.02
C GLN B 112 41.71 27.80 6.31
N SER B 113 40.55 28.44 6.21
CA SER B 113 39.73 28.74 7.37
C SER B 113 38.30 28.24 7.20
N LEU B 114 37.75 27.67 8.26
CA LEU B 114 36.39 27.14 8.25
C LEU B 114 35.41 28.15 8.83
N THR B 115 34.31 28.41 8.11
CA THR B 115 33.31 29.37 8.57
C THR B 115 31.98 28.66 8.76
N LEU B 116 31.43 28.77 9.95
CA LEU B 116 30.15 28.13 10.27
C LEU B 116 29.24 29.07 11.04
N THR B 117 28.08 29.38 10.46
CA THR B 117 27.12 30.26 11.10
C THR B 117 25.87 29.45 11.44
N LEU B 118 25.39 29.61 12.67
CA LEU B 118 24.21 28.86 13.11
C LEU B 118 22.93 29.70 13.09
N GLU B 119 21.85 29.12 12.56
CA GLU B 119 20.56 29.81 12.51
C GLU B 119 19.93 29.87 13.89
N SER B 120 19.61 31.07 14.35
CA SER B 120 19.01 31.25 15.66
C SER B 120 17.74 32.10 15.61
N PRO B 121 16.70 31.70 16.35
CA PRO B 121 15.42 32.41 16.40
C PRO B 121 15.58 33.77 17.07
N PRO B 122 14.74 34.75 16.69
CA PRO B 122 14.82 36.09 17.27
C PRO B 122 14.72 36.08 18.80
N GLY B 123 15.68 36.72 19.46
CA GLY B 123 15.67 36.76 20.91
C GLY B 123 16.11 35.47 21.54
N SER B 124 17.37 35.10 21.32
CA SER B 124 17.92 33.87 21.87
C SER B 124 19.40 34.04 22.23
N SER B 125 19.85 33.24 23.19
CA SER B 125 21.25 33.26 23.63
C SER B 125 21.84 31.87 23.50
N PRO B 126 22.33 31.50 22.30
CA PRO B 126 22.92 30.21 22.00
C PRO B 126 24.32 30.00 22.57
N SER B 127 24.68 28.73 22.75
CA SER B 127 25.99 28.35 23.27
C SER B 127 26.39 27.07 22.54
N VAL B 128 27.48 27.16 21.76
CA VAL B 128 27.93 26.02 20.99
C VAL B 128 29.32 25.52 21.36
N GLN B 129 29.47 24.20 21.44
CA GLN B 129 30.74 23.57 21.77
C GLN B 129 31.04 22.55 20.68
N CYS B 130 31.91 22.90 19.72
CA CYS B 130 32.24 21.98 18.64
C CYS B 130 33.43 21.08 18.95
N ARG B 131 33.65 20.10 18.07
CA ARG B 131 34.75 19.15 18.23
C ARG B 131 35.32 18.77 16.86
N SER B 132 36.63 18.53 16.81
CA SER B 132 37.30 18.16 15.57
C SER B 132 37.14 16.68 15.25
N PRO B 133 37.55 16.26 14.03
CA PRO B 133 37.43 14.86 13.61
C PRO B 133 38.23 13.91 14.51
N ARG B 134 39.34 14.39 15.05
CA ARG B 134 40.18 13.58 15.92
C ARG B 134 40.26 14.09 17.35
N GLY B 135 40.89 15.24 17.56
CA GLY B 135 40.99 15.75 18.92
C GLY B 135 41.33 17.22 19.08
N LYS B 136 40.29 18.05 19.17
CA LYS B 136 40.47 19.48 19.34
C LYS B 136 39.13 20.10 19.69
N ASN B 137 39.10 20.89 20.76
CA ASN B 137 37.86 21.52 21.21
C ASN B 137 37.74 22.97 20.73
N ILE B 138 36.58 23.30 20.17
CA ILE B 138 36.33 24.64 19.66
C ILE B 138 35.19 25.31 20.42
N GLN B 139 35.44 26.53 20.91
CA GLN B 139 34.43 27.27 21.66
C GLN B 139 34.09 28.61 20.99
N GLY B 140 32.93 29.16 21.33
CA GLY B 140 32.52 30.43 20.74
C GLY B 140 31.24 30.98 21.31
N GLY B 141 30.46 31.66 20.47
CA GLY B 141 29.21 32.24 20.93
C GLY B 141 28.17 32.34 19.82
N LYS B 142 28.11 33.51 19.18
CA LYS B 142 27.16 33.75 18.10
C LYS B 142 27.61 33.03 16.83
N THR B 143 28.89 33.18 16.50
CA THR B 143 29.45 32.54 15.32
C THR B 143 30.73 31.80 15.64
N LEU B 144 30.86 30.56 15.15
CA LEU B 144 32.07 29.77 15.40
C LEU B 144 32.84 29.53 14.11
N SER B 145 34.08 30.01 14.07
CA SER B 145 34.94 29.84 12.90
C SER B 145 36.39 29.58 13.28
N VAL B 146 37.00 28.61 12.62
CA VAL B 146 38.40 28.26 12.87
C VAL B 146 39.27 28.87 11.78
N SER B 147 40.28 29.62 12.19
CA SER B 147 41.18 30.27 11.24
C SER B 147 42.32 29.38 10.76
N GLN B 148 42.93 28.64 11.67
CA GLN B 148 44.04 27.75 11.31
C GLN B 148 43.57 26.31 11.16
N LEU B 149 43.75 25.75 9.97
CA LEU B 149 43.35 24.37 9.68
C LEU B 149 44.46 23.56 9.01
N GLU B 150 44.38 22.24 9.14
CA GLU B 150 45.37 21.34 8.53
C GLU B 150 44.66 20.29 7.68
N LEU B 151 45.44 19.50 6.94
CA LEU B 151 44.89 18.46 6.07
C LEU B 151 44.40 17.25 6.86
N GLN B 152 44.85 17.12 8.11
CA GLN B 152 44.46 15.99 8.95
C GLN B 152 43.02 16.03 9.40
N ASP B 153 42.42 17.22 9.38
CA ASP B 153 41.04 17.38 9.80
C ASP B 153 40.02 17.06 8.72
N SER B 154 40.45 16.34 7.69
CA SER B 154 39.56 15.97 6.60
C SER B 154 38.73 14.73 6.96
N GLY B 155 37.44 14.94 7.20
CA GLY B 155 36.59 13.83 7.55
C GLY B 155 35.27 14.28 8.16
N THR B 156 34.71 13.45 9.04
CA THR B 156 33.45 13.77 9.69
C THR B 156 33.67 14.73 10.86
N TRP B 157 32.75 15.67 11.05
CA TRP B 157 32.86 16.63 12.14
C TRP B 157 31.68 16.52 13.12
N THR B 158 31.89 16.98 14.34
CA THR B 158 30.85 16.91 15.36
C THR B 158 30.75 18.20 16.15
N CYS B 159 29.60 18.85 16.10
CA CYS B 159 29.38 20.10 16.85
C CYS B 159 28.13 19.94 17.69
N THR B 160 28.19 20.34 18.96
CA THR B 160 27.06 20.24 19.86
C THR B 160 26.59 21.61 20.33
N VAL B 161 25.29 21.83 20.29
CA VAL B 161 24.72 23.10 20.71
C VAL B 161 23.91 22.89 21.98
N LEU B 162 24.22 23.63 23.03
CA LEU B 162 23.51 23.49 24.30
C LEU B 162 22.65 24.70 24.66
N GLN B 163 21.44 24.43 25.12
CA GLN B 163 20.49 25.48 25.52
C GLN B 163 19.56 24.96 26.62
N ASN B 164 19.50 25.69 27.73
CA ASN B 164 18.65 25.32 28.87
C ASN B 164 18.89 23.88 29.34
N GLN B 165 20.16 23.56 29.55
CA GLN B 165 20.58 22.25 30.03
C GLN B 165 20.25 21.08 29.10
N LYS B 166 19.93 21.38 27.85
CA LYS B 166 19.63 20.34 26.86
C LYS B 166 20.57 20.54 25.67
N LYS B 167 21.10 19.45 25.13
CA LYS B 167 22.02 19.55 24.01
C LYS B 167 21.72 18.62 22.83
N VAL B 168 22.01 19.08 21.63
CA VAL B 168 21.78 18.29 20.42
C VAL B 168 23.02 18.40 19.53
N GLU B 169 23.33 17.34 18.79
CA GLU B 169 24.52 17.31 17.94
C GLU B 169 24.29 17.33 16.42
N PHE B 170 25.27 17.88 15.70
CA PHE B 170 25.23 17.98 14.24
C PHE B 170 26.45 17.32 13.61
N LYS B 171 26.26 16.75 12.42
CA LYS B 171 27.36 16.10 11.70
C LYS B 171 27.53 16.67 10.29
N ILE B 172 28.75 17.09 9.97
CA ILE B 172 29.05 17.64 8.65
C ILE B 172 30.34 17.05 8.10
N ASP B 173 30.37 16.84 6.78
CA ASP B 173 31.53 16.28 6.10
C ASP B 173 32.39 17.35 5.45
N ILE B 174 33.65 17.41 5.86
CA ILE B 174 34.59 18.39 5.33
C ILE B 174 35.81 17.69 4.75
N VAL B 175 36.12 17.97 3.49
CA VAL B 175 37.27 17.35 2.85
C VAL B 175 38.33 18.38 2.47
N GLU C 1 -6.21 1.43 -25.06
CA GLU C 1 -5.06 0.49 -24.99
C GLU C 1 -3.78 1.26 -24.75
N LEU C 2 -2.99 0.82 -23.77
CA LEU C 2 -1.73 1.50 -23.46
C LEU C 2 -0.59 0.49 -23.44
N VAL C 3 0.33 0.63 -24.39
CA VAL C 3 1.46 -0.28 -24.48
C VAL C 3 2.72 0.37 -23.93
N LEU C 4 3.60 -0.44 -23.34
CA LEU C 4 4.83 0.08 -22.77
C LEU C 4 6.06 -0.59 -23.37
N THR C 5 7.12 0.18 -23.53
CA THR C 5 8.37 -0.33 -24.08
C THR C 5 9.53 -0.05 -23.13
N GLN C 6 10.41 -1.04 -22.97
CA GLN C 6 11.56 -0.91 -22.08
C GLN C 6 12.90 -0.84 -22.80
N SER C 7 13.74 0.09 -22.35
CA SER C 7 15.06 0.26 -22.94
C SER C 7 16.11 0.24 -21.83
N PRO C 8 17.22 -0.49 -22.07
CA PRO C 8 17.48 -1.26 -23.28
C PRO C 8 16.79 -2.62 -23.28
N GLY C 9 17.14 -3.45 -24.25
CA GLY C 9 16.56 -4.77 -24.32
C GLY C 9 17.37 -5.76 -23.50
N THR C 10 18.68 -5.53 -23.46
CA THR C 10 19.59 -6.38 -22.72
C THR C 10 20.72 -5.52 -22.18
N LEU C 11 21.07 -5.73 -20.91
CA LEU C 11 22.13 -4.96 -20.29
C LEU C 11 23.08 -5.85 -19.51
N SER C 12 24.35 -5.84 -19.88
CA SER C 12 25.36 -6.65 -19.20
C SER C 12 26.40 -5.75 -18.51
N LEU C 13 26.28 -5.63 -17.18
CA LEU C 13 27.19 -4.81 -16.38
C LEU C 13 27.89 -5.62 -15.29
N SER C 14 28.97 -5.06 -14.76
CA SER C 14 29.74 -5.72 -13.70
C SER C 14 29.20 -5.39 -12.32
N ALA C 15 29.84 -5.95 -11.30
CA ALA C 15 29.40 -5.75 -9.91
C ALA C 15 30.03 -4.52 -9.26
N GLY C 16 29.27 -3.89 -8.37
CA GLY C 16 29.76 -2.70 -7.69
C GLY C 16 29.22 -1.41 -8.28
N GLU C 17 29.09 -1.37 -9.59
CA GLU C 17 28.61 -0.18 -10.29
C GLU C 17 27.09 -0.08 -10.28
N ARG C 18 26.57 1.03 -10.83
CA ARG C 18 25.13 1.26 -10.88
C ARG C 18 24.56 0.86 -12.24
N ALA C 19 23.25 0.61 -12.27
CA ALA C 19 22.57 0.23 -13.50
C ALA C 19 21.37 1.14 -13.75
N THR C 20 21.12 1.45 -15.02
CA THR C 20 20.01 2.33 -15.38
C THR C 20 19.02 1.66 -16.33
N LEU C 21 17.74 1.70 -15.97
CA LEU C 21 16.68 1.10 -16.78
C LEU C 21 15.64 2.16 -17.13
N SER C 22 14.92 1.97 -18.24
CA SER C 22 13.90 2.94 -18.66
C SER C 22 12.61 2.27 -19.16
N CYS C 23 11.48 2.92 -18.86
CA CYS C 23 10.16 2.42 -19.26
C CYS C 23 9.44 3.53 -19.99
N ARG C 24 9.25 3.38 -21.30
CA ARG C 24 8.56 4.38 -22.11
C ARG C 24 7.09 3.99 -22.29
N ALA C 25 6.19 4.96 -22.13
CA ALA C 25 4.76 4.71 -22.24
C ALA C 25 4.15 5.30 -23.50
N SER C 26 3.07 4.69 -23.98
CA SER C 26 2.37 5.15 -25.16
C SER C 26 1.58 6.41 -24.86
N GLN C 27 0.95 6.44 -23.68
CA GLN C 27 0.17 7.59 -23.24
C GLN C 27 0.56 7.99 -21.82
N SER C 28 -0.11 9.00 -21.30
CA SER C 28 0.16 9.46 -19.94
C SER C 28 -0.57 8.57 -18.96
N VAL C 29 0.15 8.08 -17.96
CA VAL C 29 -0.45 7.20 -16.95
C VAL C 29 -1.33 7.98 -15.97
N SER C 30 -2.49 7.41 -15.66
CA SER C 30 -3.43 8.05 -14.74
C SER C 30 -2.93 8.12 -13.31
N SER C 31 -3.04 9.30 -12.73
CA SER C 31 -2.61 9.56 -11.35
C SER C 31 -1.14 9.21 -11.10
N GLY C 32 -0.41 8.93 -12.17
CA GLY C 32 1.00 8.60 -12.02
C GLY C 32 1.24 7.34 -11.22
N SER C 33 0.70 6.22 -11.68
CA SER C 33 0.86 4.94 -10.99
C SER C 33 1.64 3.93 -11.83
N LEU C 34 2.86 3.62 -11.40
CA LEU C 34 3.71 2.69 -12.11
C LEU C 34 4.34 1.69 -11.13
N ALA C 35 4.53 0.45 -11.58
CA ALA C 35 5.12 -0.58 -10.73
C ALA C 35 6.28 -1.27 -11.42
N TRP C 36 7.33 -1.56 -10.66
CA TRP C 36 8.51 -2.24 -11.20
C TRP C 36 8.61 -3.64 -10.64
N TYR C 37 9.08 -4.59 -11.45
CA TYR C 37 9.21 -5.97 -11.03
C TYR C 37 10.57 -6.59 -11.32
N GLN C 38 11.01 -7.46 -10.42
CA GLN C 38 12.27 -8.18 -10.56
C GLN C 38 11.96 -9.66 -10.65
N GLN C 39 12.45 -10.31 -11.70
CA GLN C 39 12.20 -11.74 -11.87
C GLN C 39 13.49 -12.53 -12.14
N LYS C 40 14.01 -13.21 -11.13
CA LYS C 40 15.23 -13.99 -11.31
C LYS C 40 14.95 -15.21 -12.17
N PRO C 41 16.00 -15.81 -12.77
CA PRO C 41 15.86 -16.98 -13.62
C PRO C 41 15.01 -18.10 -13.03
N GLY C 42 14.00 -18.54 -13.78
CA GLY C 42 13.13 -19.60 -13.30
C GLY C 42 12.44 -19.33 -11.98
N GLN C 43 11.99 -18.10 -11.77
CA GLN C 43 11.28 -17.74 -10.54
C GLN C 43 10.06 -16.89 -10.82
N ALA C 44 9.41 -16.46 -9.76
CA ALA C 44 8.22 -15.63 -9.86
C ALA C 44 8.58 -14.16 -9.65
N PRO C 45 7.89 -13.25 -10.37
CA PRO C 45 8.14 -11.82 -10.26
C PRO C 45 8.05 -11.30 -8.82
N ARG C 46 8.81 -10.24 -8.53
CA ARG C 46 8.83 -9.65 -7.20
C ARG C 46 8.58 -8.15 -7.32
N LEU C 47 7.71 -7.62 -6.46
CA LEU C 47 7.42 -6.19 -6.47
C LEU C 47 8.65 -5.43 -6.00
N LEU C 48 9.14 -4.52 -6.83
CA LEU C 48 10.34 -3.74 -6.50
C LEU C 48 9.96 -2.35 -5.98
N ILE C 49 9.32 -1.57 -6.85
CA ILE C 49 8.89 -0.22 -6.50
C ILE C 49 7.53 0.10 -7.11
N TYR C 50 6.63 0.64 -6.30
CA TYR C 50 5.30 0.98 -6.76
C TYR C 50 5.08 2.49 -6.71
N GLY C 51 4.04 2.97 -7.39
CA GLY C 51 3.77 4.39 -7.38
C GLY C 51 4.90 5.21 -8.00
N ALA C 52 5.73 4.54 -8.78
CA ALA C 52 6.85 5.19 -9.45
C ALA C 52 7.96 5.63 -8.50
N SER C 53 7.62 5.94 -7.26
CA SER C 53 8.62 6.39 -6.31
C SER C 53 8.71 5.57 -5.03
N THR C 54 7.56 5.22 -4.45
CA THR C 54 7.53 4.47 -3.20
C THR C 54 8.19 3.09 -3.29
N ARG C 55 9.03 2.79 -2.30
CA ARG C 55 9.76 1.53 -2.23
C ARG C 55 9.03 0.46 -1.42
N ALA C 56 8.98 -0.76 -1.97
CA ALA C 56 8.33 -1.88 -1.32
C ALA C 56 9.18 -2.37 -0.15
N THR C 57 8.53 -2.94 0.85
CA THR C 57 9.25 -3.43 2.01
C THR C 57 10.17 -4.60 1.67
N GLY C 58 11.38 -4.59 2.23
CA GLY C 58 12.33 -5.65 1.97
C GLY C 58 13.32 -5.27 0.88
N ILE C 59 12.90 -4.37 0.01
CA ILE C 59 13.75 -3.90 -1.08
C ILE C 59 14.82 -2.94 -0.56
N PRO C 60 16.10 -3.25 -0.83
CA PRO C 60 17.25 -2.43 -0.39
C PRO C 60 17.22 -0.98 -0.85
N ASP C 61 18.07 -0.15 -0.26
CA ASP C 61 18.14 1.26 -0.60
C ASP C 61 18.81 1.47 -1.95
N ARG C 62 19.35 0.40 -2.52
CA ARG C 62 20.03 0.47 -3.81
C ARG C 62 19.08 0.77 -4.95
N PHE C 63 17.91 0.14 -4.93
CA PHE C 63 16.88 0.33 -5.95
C PHE C 63 16.13 1.64 -5.74
N SER C 64 16.03 2.44 -6.79
CA SER C 64 15.32 3.72 -6.70
C SER C 64 14.56 4.00 -7.99
N GLY C 65 13.42 4.69 -7.86
CA GLY C 65 12.62 4.98 -9.03
C GLY C 65 12.22 6.44 -9.15
N SER C 66 12.03 6.88 -10.39
CA SER C 66 11.63 8.26 -10.66
C SER C 66 11.02 8.34 -12.06
N GLY C 67 9.89 9.04 -12.19
CA GLY C 67 9.25 9.14 -13.49
C GLY C 67 8.05 10.07 -13.52
N SER C 68 7.67 10.50 -14.72
CA SER C 68 6.53 11.39 -14.90
C SER C 68 5.88 11.22 -16.27
N GLY C 69 4.57 10.95 -16.29
CA GLY C 69 3.85 10.79 -17.53
C GLY C 69 4.26 9.64 -18.42
N THR C 70 5.35 9.81 -19.17
CA THR C 70 5.83 8.76 -20.06
C THR C 70 7.27 8.40 -19.77
N ASP C 71 8.03 9.37 -19.28
CA ASP C 71 9.43 9.15 -18.95
C ASP C 71 9.54 8.51 -17.57
N PHE C 72 9.84 7.21 -17.53
CA PHE C 72 9.97 6.50 -16.27
C PHE C 72 11.31 5.75 -16.22
N THR C 73 12.03 5.90 -15.12
CA THR C 73 13.32 5.26 -14.96
C THR C 73 13.54 4.60 -13.60
N LEU C 74 14.18 3.43 -13.62
CA LEU C 74 14.49 2.67 -12.42
C LEU C 74 16.00 2.56 -12.35
N THR C 75 16.59 2.96 -11.23
CA THR C 75 18.04 2.91 -11.10
C THR C 75 18.51 1.94 -10.02
N ILE C 76 19.20 0.90 -10.44
CA ILE C 76 19.73 -0.11 -9.52
C ILE C 76 21.07 0.38 -8.96
N GLY C 77 21.23 0.34 -7.65
CA GLY C 77 22.46 0.81 -7.04
C GLY C 77 23.66 -0.11 -7.24
N ARG C 78 24.41 -0.30 -6.16
CA ARG C 78 25.58 -1.17 -6.21
C ARG C 78 25.20 -2.58 -6.64
N LEU C 79 25.48 -2.88 -7.90
CA LEU C 79 25.16 -4.17 -8.49
C LEU C 79 25.77 -5.38 -7.78
N GLU C 80 25.07 -6.51 -7.87
CA GLU C 80 25.53 -7.76 -7.26
C GLU C 80 25.30 -8.92 -8.21
N PRO C 81 25.99 -10.04 -7.98
CA PRO C 81 25.84 -11.23 -8.83
C PRO C 81 24.43 -11.82 -8.75
N GLU C 82 23.72 -11.51 -7.67
CA GLU C 82 22.36 -12.02 -7.47
C GLU C 82 21.32 -11.14 -8.19
N ASP C 83 21.68 -9.88 -8.44
CA ASP C 83 20.78 -8.96 -9.11
C ASP C 83 20.43 -9.32 -10.55
N LEU C 84 21.03 -10.39 -11.06
CA LEU C 84 20.74 -10.83 -12.42
C LEU C 84 19.28 -11.25 -12.52
N ALA C 85 18.50 -10.56 -13.33
CA ALA C 85 17.09 -10.91 -13.49
C ALA C 85 16.44 -10.10 -14.61
N VAL C 86 15.29 -10.54 -15.08
CA VAL C 86 14.58 -9.78 -16.11
C VAL C 86 13.67 -8.80 -15.39
N TYR C 87 13.70 -7.54 -15.80
CA TYR C 87 12.88 -6.52 -15.16
C TYR C 87 11.70 -6.07 -16.01
N TYR C 88 10.56 -5.83 -15.35
CA TYR C 88 9.35 -5.41 -16.03
C TYR C 88 8.70 -4.21 -15.34
N CYS C 89 7.97 -3.42 -16.12
CA CYS C 89 7.27 -2.26 -15.58
C CYS C 89 5.78 -2.40 -15.91
N GLN C 90 4.93 -2.22 -14.91
CA GLN C 90 3.49 -2.36 -15.10
C GLN C 90 2.72 -1.13 -14.63
N GLN C 91 1.81 -0.65 -15.48
CA GLN C 91 1.01 0.51 -15.15
C GLN C 91 -0.33 0.03 -14.62
N TYR C 92 -0.87 0.75 -13.63
CA TYR C 92 -2.16 0.36 -13.07
C TYR C 92 -3.09 1.55 -12.88
N GLY C 93 -3.06 2.47 -13.83
CA GLY C 93 -3.90 3.65 -13.78
C GLY C 93 -5.13 3.47 -14.64
N THR C 94 -5.00 2.61 -15.65
CA THR C 94 -6.11 2.34 -16.55
C THR C 94 -6.07 0.91 -17.06
N SER C 95 -7.24 0.28 -17.11
CA SER C 95 -7.35 -1.10 -17.58
C SER C 95 -7.33 -1.15 -19.10
N PRO C 96 -6.77 -2.23 -19.67
CA PRO C 96 -6.18 -3.34 -18.93
C PRO C 96 -4.78 -3.06 -18.41
N TYR C 97 -4.44 -3.67 -17.28
CA TYR C 97 -3.12 -3.51 -16.67
C TYR C 97 -2.09 -4.14 -17.60
N THR C 98 -1.27 -3.32 -18.22
CA THR C 98 -0.27 -3.80 -19.15
C THR C 98 1.15 -3.79 -18.62
N PHE C 99 1.91 -4.83 -18.99
CA PHE C 99 3.31 -4.97 -18.57
C PHE C 99 4.27 -4.55 -19.68
N GLY C 100 5.49 -4.22 -19.30
CA GLY C 100 6.48 -3.83 -20.29
C GLY C 100 7.04 -5.03 -21.03
N GLN C 101 7.81 -4.76 -22.08
CA GLN C 101 8.41 -5.83 -22.87
C GLN C 101 9.45 -6.64 -22.07
N GLY C 102 10.11 -5.98 -21.12
CA GLY C 102 11.09 -6.66 -20.31
C GLY C 102 12.54 -6.37 -20.65
N THR C 103 13.38 -6.25 -19.63
CA THR C 103 14.80 -5.97 -19.81
C THR C 103 15.65 -7.02 -19.09
N LYS C 104 16.37 -7.82 -19.88
CA LYS C 104 17.25 -8.85 -19.35
C LYS C 104 18.53 -8.23 -18.81
N LEU C 105 18.75 -8.32 -17.50
CA LEU C 105 19.94 -7.76 -16.90
C LEU C 105 20.98 -8.85 -16.65
N GLU C 106 22.00 -8.90 -17.49
CA GLU C 106 23.06 -9.89 -17.34
C GLU C 106 24.20 -9.28 -16.54
N ILE C 107 25.07 -10.13 -16.01
CA ILE C 107 26.19 -9.65 -15.20
C ILE C 107 27.54 -9.99 -15.81
N LYS C 108 28.43 -8.99 -15.88
CA LYS C 108 29.76 -9.20 -16.44
C LYS C 108 30.78 -9.56 -15.36
N ARG C 109 31.61 -10.55 -15.66
CA ARG C 109 32.62 -10.98 -14.71
C ARG C 109 33.94 -11.30 -15.43
N THR C 110 34.97 -11.63 -14.65
CA THR C 110 36.27 -11.96 -15.22
C THR C 110 36.22 -13.32 -15.91
N VAL C 111 37.13 -13.55 -16.84
CA VAL C 111 37.15 -14.81 -17.59
C VAL C 111 37.34 -16.01 -16.67
N ALA C 112 36.41 -16.96 -16.75
CA ALA C 112 36.46 -18.17 -15.93
C ALA C 112 36.64 -19.45 -16.75
N ALA C 113 37.49 -20.34 -16.26
CA ALA C 113 37.77 -21.61 -16.94
C ALA C 113 36.79 -22.70 -16.53
N PRO C 114 36.28 -23.47 -17.51
CA PRO C 114 35.34 -24.55 -17.27
C PRO C 114 36.03 -25.88 -16.96
N SER C 115 35.52 -26.61 -15.97
CA SER C 115 36.07 -27.90 -15.64
C SER C 115 35.18 -28.93 -16.33
N VAL C 116 35.79 -29.90 -16.99
CA VAL C 116 35.02 -30.89 -17.74
C VAL C 116 34.89 -32.24 -17.04
N PHE C 117 33.72 -32.86 -17.20
CA PHE C 117 33.45 -34.18 -16.61
C PHE C 117 32.63 -34.97 -17.63
N ILE C 118 32.90 -36.27 -17.74
CA ILE C 118 32.15 -37.08 -18.69
C ILE C 118 31.38 -38.17 -17.95
N PHE C 119 30.14 -38.42 -18.35
CA PHE C 119 29.31 -39.42 -17.69
C PHE C 119 28.84 -40.55 -18.60
N PRO C 120 29.43 -41.74 -18.44
CA PRO C 120 29.09 -42.92 -19.24
C PRO C 120 27.67 -43.39 -18.95
N PRO C 121 26.99 -43.95 -19.95
CA PRO C 121 25.62 -44.43 -19.75
C PRO C 121 25.49 -45.48 -18.64
N SER C 122 24.43 -45.37 -17.85
CA SER C 122 24.18 -46.30 -16.75
C SER C 122 23.73 -47.67 -17.24
N ASP C 123 24.12 -48.71 -16.50
CA ASP C 123 23.75 -50.08 -16.85
C ASP C 123 22.24 -50.28 -16.91
N GLU C 124 21.51 -49.47 -16.16
CA GLU C 124 20.06 -49.57 -16.15
C GLU C 124 19.49 -49.17 -17.50
N GLN C 125 20.09 -48.14 -18.11
CA GLN C 125 19.64 -47.65 -19.40
C GLN C 125 20.12 -48.52 -20.56
N LEU C 126 21.36 -48.99 -20.45
CA LEU C 126 21.96 -49.84 -21.48
C LEU C 126 21.15 -51.11 -21.74
N LYS C 127 20.99 -51.95 -20.73
CA LYS C 127 20.23 -53.20 -20.90
C LYS C 127 18.74 -52.94 -20.81
N SER C 128 18.28 -51.93 -21.56
CA SER C 128 16.88 -51.57 -21.59
C SER C 128 16.48 -51.15 -22.99
N GLY C 129 17.34 -50.38 -23.65
CA GLY C 129 17.04 -49.94 -24.99
C GLY C 129 18.07 -49.02 -25.63
N THR C 130 18.10 -47.77 -25.20
CA THR C 130 19.02 -46.78 -25.76
C THR C 130 20.15 -46.45 -24.80
N ALA C 131 21.12 -45.67 -25.29
CA ALA C 131 22.27 -45.27 -24.48
C ALA C 131 22.46 -43.76 -24.58
N SER C 132 23.11 -43.18 -23.58
CA SER C 132 23.34 -41.73 -23.56
C SER C 132 24.57 -41.33 -22.77
N VAL C 133 25.40 -40.47 -23.36
CA VAL C 133 26.61 -40.02 -22.71
C VAL C 133 26.46 -38.53 -22.40
N VAL C 134 26.87 -38.12 -21.22
CA VAL C 134 26.74 -36.72 -20.83
C VAL C 134 28.09 -36.05 -20.60
N CYS C 135 28.26 -34.85 -21.13
CA CYS C 135 29.51 -34.14 -20.92
C CYS C 135 29.18 -32.93 -20.05
N LEU C 136 29.78 -32.88 -18.86
CA LEU C 136 29.52 -31.77 -17.95
C LEU C 136 30.59 -30.69 -18.08
N LEU C 137 30.17 -29.44 -18.05
CA LEU C 137 31.07 -28.29 -18.12
C LEU C 137 30.71 -27.41 -16.94
N ASN C 138 31.42 -27.62 -15.84
CA ASN C 138 31.20 -26.89 -14.60
C ASN C 138 31.51 -25.41 -14.81
N ASN C 139 31.09 -24.61 -13.84
CA ASN C 139 31.27 -23.15 -13.85
C ASN C 139 32.32 -22.50 -14.77
N PHE C 140 31.89 -21.45 -15.46
CA PHE C 140 32.70 -20.63 -16.38
C PHE C 140 31.89 -19.38 -16.77
N TYR C 141 32.56 -18.32 -17.24
CA TYR C 141 31.84 -17.07 -17.59
C TYR C 141 31.45 -16.87 -19.05
N PRO C 142 32.40 -16.95 -19.98
CA PRO C 142 32.07 -16.76 -21.39
C PRO C 142 31.02 -17.76 -21.86
N ARG C 143 29.80 -17.28 -22.11
CA ARG C 143 28.72 -18.16 -22.55
C ARG C 143 29.04 -18.91 -23.84
N GLU C 144 29.79 -18.26 -24.74
CA GLU C 144 30.13 -18.89 -26.01
C GLU C 144 31.10 -20.07 -25.81
N ALA C 145 30.60 -21.28 -25.98
CA ALA C 145 31.41 -22.48 -25.82
C ALA C 145 31.09 -23.52 -26.90
N LYS C 146 32.12 -24.18 -27.42
CA LYS C 146 31.93 -25.21 -28.44
C LYS C 146 32.23 -26.60 -27.91
N VAL C 147 31.28 -27.52 -28.10
CA VAL C 147 31.45 -28.89 -27.67
C VAL C 147 31.50 -29.81 -28.88
N GLN C 148 32.50 -30.69 -28.90
CA GLN C 148 32.67 -31.62 -30.01
C GLN C 148 32.77 -33.06 -29.51
N TRP C 149 31.92 -33.93 -30.04
CA TRP C 149 31.92 -35.33 -29.66
C TRP C 149 32.70 -36.18 -30.67
N LYS C 150 33.69 -36.93 -30.18
CA LYS C 150 34.50 -37.76 -31.05
C LYS C 150 34.42 -39.25 -30.73
N VAL C 151 33.71 -39.99 -31.57
CA VAL C 151 33.56 -41.42 -31.40
C VAL C 151 34.75 -42.09 -32.11
N ASP C 152 35.74 -42.50 -31.34
CA ASP C 152 36.95 -43.11 -31.87
C ASP C 152 37.69 -42.14 -32.79
N ASN C 153 38.11 -41.03 -32.19
CA ASN C 153 38.84 -39.97 -32.89
C ASN C 153 38.08 -39.32 -34.05
N ALA C 154 36.89 -39.84 -34.36
CA ALA C 154 36.09 -39.30 -35.45
C ALA C 154 35.01 -38.35 -34.93
N LEU C 155 34.99 -37.11 -35.41
CA LEU C 155 34.01 -36.14 -34.96
C LEU C 155 32.58 -36.46 -35.40
N GLN C 156 31.61 -36.00 -34.62
CA GLN C 156 30.21 -36.24 -34.91
C GLN C 156 29.34 -35.07 -34.44
N SER C 157 28.50 -34.57 -35.32
CA SER C 157 27.62 -33.45 -34.98
C SER C 157 26.21 -33.69 -35.51
N GLY C 158 25.23 -33.05 -34.90
CA GLY C 158 23.85 -33.20 -35.33
C GLY C 158 23.15 -34.29 -34.53
N ASN C 159 23.91 -34.95 -33.68
CA ASN C 159 23.37 -36.02 -32.84
C ASN C 159 23.48 -35.64 -31.37
N SER C 160 24.18 -34.54 -31.10
CA SER C 160 24.37 -34.06 -29.74
C SER C 160 23.33 -33.03 -29.34
N GLN C 161 22.91 -33.07 -28.08
CA GLN C 161 21.92 -32.13 -27.56
C GLN C 161 22.55 -31.34 -26.40
N GLU C 162 22.58 -30.02 -26.52
CA GLU C 162 23.16 -29.19 -25.48
C GLU C 162 22.21 -28.15 -24.92
N SER C 163 22.40 -27.81 -23.64
CA SER C 163 21.58 -26.82 -22.96
C SER C 163 22.38 -26.19 -21.82
N VAL C 164 22.36 -24.87 -21.75
CA VAL C 164 23.10 -24.16 -20.71
C VAL C 164 22.19 -23.48 -19.70
N THR C 165 22.64 -23.42 -18.46
CA THR C 165 21.86 -22.79 -17.40
C THR C 165 22.15 -21.28 -17.42
N GLU C 166 21.33 -20.51 -16.75
CA GLU C 166 21.53 -19.07 -16.71
C GLU C 166 22.61 -18.75 -15.67
N GLN C 167 23.08 -17.51 -15.64
CA GLN C 167 24.12 -17.13 -14.69
C GLN C 167 23.81 -17.47 -13.23
N ASP C 168 24.83 -17.92 -12.51
CA ASP C 168 24.67 -18.27 -11.10
C ASP C 168 24.58 -16.99 -10.27
N SER C 169 23.71 -16.98 -9.27
CA SER C 169 23.52 -15.83 -8.42
C SER C 169 24.66 -15.53 -7.44
N ARG C 170 25.59 -16.48 -7.29
CA ARG C 170 26.70 -16.27 -6.37
C ARG C 170 28.02 -15.92 -7.06
N ASP C 171 28.32 -16.61 -8.16
CA ASP C 171 29.56 -16.34 -8.89
C ASP C 171 29.37 -15.90 -10.34
N SER C 172 28.12 -15.76 -10.77
CA SER C 172 27.82 -15.31 -12.13
C SER C 172 28.40 -16.19 -13.24
N THR C 173 28.45 -17.50 -13.03
CA THR C 173 28.98 -18.40 -14.04
C THR C 173 27.91 -19.29 -14.65
N TYR C 174 28.16 -19.80 -15.85
CA TYR C 174 27.23 -20.68 -16.54
C TYR C 174 27.65 -22.13 -16.32
N SER C 175 26.85 -23.05 -16.85
CA SER C 175 27.14 -24.47 -16.74
C SER C 175 26.43 -25.19 -17.88
N LEU C 176 27.20 -25.89 -18.69
CA LEU C 176 26.67 -26.59 -19.86
C LEU C 176 26.64 -28.11 -19.71
N GLY C 177 25.55 -28.71 -20.16
CA GLY C 177 25.41 -30.15 -20.08
C GLY C 177 25.04 -30.70 -21.44
N SER C 178 26.03 -31.20 -22.17
CA SER C 178 25.80 -31.73 -23.50
C SER C 178 25.59 -33.24 -23.42
N THR C 179 24.44 -33.71 -23.92
CA THR C 179 24.13 -35.13 -23.89
C THR C 179 24.10 -35.76 -25.28
N LEU C 180 25.03 -36.68 -25.52
CA LEU C 180 25.11 -37.38 -26.80
C LEU C 180 24.31 -38.66 -26.69
N THR C 181 23.21 -38.74 -27.42
CA THR C 181 22.35 -39.92 -27.36
C THR C 181 22.39 -40.79 -28.60
N LEU C 182 22.63 -42.08 -28.42
CA LEU C 182 22.68 -43.04 -29.52
C LEU C 182 22.31 -44.43 -29.00
N SER C 183 21.80 -45.28 -29.88
CA SER C 183 21.38 -46.62 -29.49
C SER C 183 22.55 -47.51 -29.04
N LYS C 184 22.21 -48.59 -28.33
CA LYS C 184 23.20 -49.53 -27.82
C LYS C 184 23.98 -50.21 -28.95
N ALA C 185 23.36 -50.31 -30.12
CA ALA C 185 23.98 -50.95 -31.26
C ALA C 185 25.26 -50.26 -31.71
N ASP C 186 25.29 -48.95 -31.57
CA ASP C 186 26.44 -48.17 -31.97
C ASP C 186 27.34 -47.82 -30.77
N TYR C 187 26.99 -48.34 -29.60
CA TYR C 187 27.74 -48.09 -28.38
C TYR C 187 28.91 -49.04 -28.14
N GLU C 188 28.61 -50.29 -27.83
CA GLU C 188 29.65 -51.29 -27.55
C GLU C 188 30.59 -51.56 -28.72
N LYS C 189 30.24 -51.12 -29.92
CA LYS C 189 31.12 -51.38 -31.07
C LYS C 189 32.39 -50.53 -31.03
N HIS C 190 32.26 -49.30 -30.56
CA HIS C 190 33.40 -48.39 -30.47
C HIS C 190 34.01 -48.40 -29.07
N LYS C 191 35.34 -48.27 -28.99
CA LYS C 191 36.06 -48.28 -27.72
C LYS C 191 36.33 -46.90 -27.14
N VAL C 192 36.57 -45.92 -28.01
CA VAL C 192 36.87 -44.57 -27.54
C VAL C 192 35.70 -43.60 -27.61
N TYR C 193 35.40 -42.99 -26.47
CA TYR C 193 34.33 -42.00 -26.36
C TYR C 193 34.89 -40.74 -25.72
N ALA C 194 35.17 -39.72 -26.53
CA ALA C 194 35.74 -38.48 -26.02
C ALA C 194 34.85 -37.25 -26.24
N CYS C 195 35.02 -36.27 -25.35
CA CYS C 195 34.28 -35.01 -25.41
C CYS C 195 35.29 -33.87 -25.43
N GLU C 196 35.47 -33.23 -26.58
CA GLU C 196 36.41 -32.13 -26.71
C GLU C 196 35.71 -30.80 -26.49
N VAL C 197 36.28 -29.97 -25.62
CA VAL C 197 35.71 -28.67 -25.30
C VAL C 197 36.56 -27.50 -25.76
N THR C 198 35.95 -26.57 -26.49
CA THR C 198 36.64 -25.38 -26.98
C THR C 198 36.00 -24.19 -26.29
N HIS C 199 36.82 -23.38 -25.62
CA HIS C 199 36.31 -22.22 -24.88
C HIS C 199 37.14 -20.97 -25.16
N GLN C 200 36.49 -19.81 -25.13
CA GLN C 200 37.17 -18.54 -25.37
C GLN C 200 37.77 -18.01 -24.07
N GLY C 201 38.80 -18.72 -23.58
CA GLY C 201 39.45 -18.33 -22.35
C GLY C 201 40.09 -19.57 -21.78
N LEU C 202 39.91 -20.66 -22.52
CA LEU C 202 40.46 -21.96 -22.18
C LEU C 202 41.69 -22.19 -23.05
N SER C 203 42.86 -22.35 -22.43
CA SER C 203 44.09 -22.55 -23.18
C SER C 203 43.98 -23.60 -24.29
N SER C 204 44.35 -24.84 -23.97
CA SER C 204 44.31 -25.94 -24.93
C SER C 204 43.03 -26.78 -24.86
N PRO C 205 42.50 -27.16 -26.03
CA PRO C 205 41.29 -27.98 -26.16
C PRO C 205 41.32 -29.18 -25.23
N VAL C 206 40.72 -29.04 -24.05
CA VAL C 206 40.71 -30.13 -23.09
C VAL C 206 39.73 -31.21 -23.52
N THR C 207 40.20 -32.45 -23.54
CA THR C 207 39.36 -33.58 -23.95
C THR C 207 39.30 -34.65 -22.88
N LYS C 208 38.08 -35.05 -22.51
CA LYS C 208 37.88 -36.08 -21.51
C LYS C 208 37.35 -37.33 -22.21
N SER C 209 38.03 -38.45 -22.02
CA SER C 209 37.61 -39.70 -22.66
C SER C 209 37.60 -40.90 -21.72
N PHE C 210 36.67 -41.81 -21.96
CA PHE C 210 36.55 -43.01 -21.15
C PHE C 210 36.45 -44.24 -22.07
N ASN C 211 36.68 -45.41 -21.50
CA ASN C 211 36.63 -46.66 -22.26
C ASN C 211 35.33 -47.40 -21.99
N ARG C 212 34.75 -48.02 -23.02
CA ARG C 212 33.50 -48.75 -22.88
C ARG C 212 33.57 -49.97 -21.97
N GLY C 213 32.57 -50.12 -21.10
CA GLY C 213 32.53 -51.24 -20.17
C GLY C 213 33.69 -51.27 -19.20
N GLU C 214 34.20 -50.09 -18.84
CA GLU C 214 35.32 -49.97 -17.91
C GLU C 214 34.98 -49.11 -16.70
N CYS C 215 35.73 -49.32 -15.62
CA CYS C 215 35.53 -48.57 -14.38
C CYS C 215 36.23 -47.21 -14.48
N GLN D 3 6.01 -18.87 0.29
CA GLN D 3 5.75 -20.06 1.16
C GLN D 3 4.38 -19.99 1.81
N LEU D 4 3.53 -19.10 1.31
CA LEU D 4 2.18 -18.97 1.86
C LEU D 4 1.10 -18.92 0.78
N LEU D 5 1.47 -18.47 -0.42
CA LEU D 5 0.53 -18.40 -1.53
C LEU D 5 0.93 -19.43 -2.58
N GLU D 6 0.31 -20.61 -2.55
CA GLU D 6 0.67 -21.66 -3.49
C GLU D 6 -0.46 -22.03 -4.46
N GLN D 7 -0.08 -22.48 -5.66
CA GLN D 7 -1.02 -22.89 -6.70
C GLN D 7 -1.09 -24.40 -6.83
N SER D 8 -1.87 -24.88 -7.80
CA SER D 8 -2.02 -26.31 -8.02
C SER D 8 -0.82 -26.90 -8.76
N GLY D 9 -1.05 -28.04 -9.43
CA GLY D 9 0.02 -28.68 -10.18
C GLY D 9 -0.08 -28.47 -11.67
N ALA D 10 1.06 -28.51 -12.35
CA ALA D 10 1.07 -28.33 -13.80
C ALA D 10 0.40 -29.51 -14.50
N GLU D 11 -0.14 -29.26 -15.69
CA GLU D 11 -0.81 -30.32 -16.44
C GLU D 11 -0.90 -30.02 -17.94
N VAL D 12 -1.43 -30.98 -18.69
CA VAL D 12 -1.58 -30.82 -20.13
C VAL D 12 -3.07 -30.92 -20.45
N LYS D 13 -3.52 -30.13 -21.42
CA LYS D 13 -4.92 -30.12 -21.81
C LYS D 13 -5.06 -30.09 -23.33
N LYS D 14 -5.86 -31.01 -23.88
CA LYS D 14 -6.07 -31.06 -25.32
C LYS D 14 -6.87 -29.85 -25.81
N PRO D 15 -6.48 -29.29 -26.97
CA PRO D 15 -7.14 -28.12 -27.58
C PRO D 15 -8.65 -28.16 -27.54
N GLY D 16 -9.26 -27.06 -27.10
CA GLY D 16 -10.71 -27.00 -27.03
C GLY D 16 -11.28 -27.15 -25.63
N SER D 17 -10.55 -27.88 -24.77
CA SER D 17 -10.98 -28.10 -23.40
C SER D 17 -10.73 -26.89 -22.50
N SER D 18 -11.26 -26.95 -21.29
CA SER D 18 -11.10 -25.86 -20.33
C SER D 18 -10.18 -26.29 -19.19
N VAL D 19 -9.42 -25.34 -18.65
CA VAL D 19 -8.52 -25.63 -17.56
C VAL D 19 -8.81 -24.72 -16.36
N GLN D 20 -8.73 -25.29 -15.16
CA GLN D 20 -8.99 -24.54 -13.94
C GLN D 20 -7.77 -24.56 -13.03
N VAL D 21 -7.28 -23.38 -12.67
CA VAL D 21 -6.12 -23.26 -11.82
C VAL D 21 -6.52 -22.68 -10.46
N SER D 22 -6.11 -23.33 -9.38
CA SER D 22 -6.44 -22.87 -8.03
C SER D 22 -5.28 -22.08 -7.44
N CYS D 23 -5.53 -21.42 -6.32
CA CYS D 23 -4.49 -20.62 -5.66
C CYS D 23 -4.80 -20.53 -4.16
N LYS D 24 -4.26 -21.48 -3.40
CA LYS D 24 -4.48 -21.55 -1.96
C LYS D 24 -3.74 -20.44 -1.20
N ALA D 25 -4.50 -19.50 -0.65
CA ALA D 25 -3.91 -18.40 0.11
C ALA D 25 -3.90 -18.74 1.60
N SER D 26 -2.74 -19.18 2.10
CA SER D 26 -2.61 -19.53 3.50
C SER D 26 -1.52 -18.71 4.18
N GLY D 27 -1.83 -17.46 4.49
CA GLY D 27 -0.85 -16.60 5.13
C GLY D 27 -1.50 -15.71 6.18
N GLY D 28 -2.45 -14.89 5.75
CA GLY D 28 -3.12 -14.00 6.68
C GLY D 28 -4.56 -13.76 6.27
N THR D 29 -4.79 -12.70 5.51
CA THR D 29 -6.14 -12.36 5.06
C THR D 29 -6.32 -12.73 3.60
N PHE D 30 -7.54 -13.17 3.25
CA PHE D 30 -7.87 -13.59 1.89
C PHE D 30 -9.02 -12.78 1.30
N SER D 31 -10.03 -12.54 2.13
CA SER D 31 -11.24 -11.82 1.76
C SER D 31 -11.07 -10.44 1.11
N MET D 32 -10.51 -9.49 1.84
CA MET D 32 -10.34 -8.12 1.35
C MET D 32 -9.31 -7.91 0.23
N TYR D 33 -8.29 -8.77 0.15
CA TYR D 33 -7.27 -8.61 -0.87
C TYR D 33 -7.71 -9.16 -2.23
N GLY D 34 -7.46 -8.41 -3.29
CA GLY D 34 -7.85 -8.86 -4.61
C GLY D 34 -6.93 -9.96 -5.11
N PHE D 35 -7.40 -10.75 -6.06
CA PHE D 35 -6.60 -11.83 -6.61
C PHE D 35 -6.58 -11.85 -8.12
N ASN D 36 -5.51 -11.28 -8.70
CA ASN D 36 -5.34 -11.20 -10.14
C ASN D 36 -4.54 -12.38 -10.70
N TRP D 37 -4.63 -12.59 -12.01
CA TRP D 37 -3.91 -13.67 -12.68
C TRP D 37 -3.14 -13.14 -13.88
N VAL D 38 -1.81 -13.29 -13.88
CA VAL D 38 -0.99 -12.83 -14.98
C VAL D 38 -0.18 -13.95 -15.59
N ARG D 39 -0.58 -14.40 -16.78
CA ARG D 39 0.13 -15.49 -17.44
C ARG D 39 1.40 -15.04 -18.14
N GLN D 40 2.29 -15.98 -18.43
CA GLN D 40 3.55 -15.67 -19.10
C GLN D 40 3.99 -16.82 -19.98
N ALA D 41 4.04 -16.59 -21.29
CA ALA D 41 4.46 -17.63 -22.23
C ALA D 41 5.97 -17.86 -22.10
N PRO D 42 6.43 -19.07 -22.42
CA PRO D 42 7.85 -19.42 -22.33
C PRO D 42 8.76 -18.44 -23.08
N GLY D 43 9.60 -17.72 -22.33
CA GLY D 43 10.51 -16.77 -22.96
C GLY D 43 9.92 -15.40 -23.22
N HIS D 44 8.59 -15.31 -23.29
CA HIS D 44 7.91 -14.04 -23.55
C HIS D 44 7.71 -13.20 -22.29
N GLY D 45 6.87 -12.17 -22.41
CA GLY D 45 6.60 -11.29 -21.28
C GLY D 45 5.31 -11.59 -20.56
N LEU D 46 5.11 -10.90 -19.44
CA LEU D 46 3.92 -11.07 -18.60
C LEU D 46 2.67 -10.41 -19.20
N GLU D 47 1.54 -11.10 -19.08
CA GLU D 47 0.27 -10.58 -19.60
C GLU D 47 -0.83 -10.74 -18.55
N TRP D 48 -1.40 -9.62 -18.12
CA TRP D 48 -2.46 -9.63 -17.12
C TRP D 48 -3.78 -10.09 -17.72
N MET D 49 -4.46 -11.01 -17.02
CA MET D 49 -5.74 -11.55 -17.49
C MET D 49 -6.93 -10.96 -16.75
N GLY D 50 -6.86 -10.91 -15.43
CA GLY D 50 -7.98 -10.36 -14.65
C GLY D 50 -7.95 -10.84 -13.22
N GLY D 51 -8.81 -10.28 -12.37
CA GLY D 51 -8.82 -10.69 -10.97
C GLY D 51 -10.20 -10.75 -10.33
N ILE D 52 -10.24 -10.68 -9.01
CA ILE D 52 -11.50 -10.73 -8.28
C ILE D 52 -11.30 -10.34 -6.81
N ILE D 53 -12.30 -9.67 -6.24
CA ILE D 53 -12.25 -9.27 -4.83
C ILE D 53 -13.24 -10.17 -4.10
N PRO D 54 -12.72 -11.18 -3.39
CA PRO D 54 -13.54 -12.13 -2.63
C PRO D 54 -14.60 -11.53 -1.74
N ILE D 55 -14.22 -10.52 -0.96
CA ILE D 55 -15.14 -9.88 -0.04
C ILE D 55 -16.28 -9.09 -0.69
N PHE D 56 -16.12 -8.69 -1.95
CA PHE D 56 -17.18 -7.95 -2.64
C PHE D 56 -17.79 -8.74 -3.79
N GLY D 57 -17.04 -9.69 -4.34
CA GLY D 57 -17.54 -10.48 -5.44
C GLY D 57 -17.33 -9.79 -6.77
N THR D 58 -16.64 -8.64 -6.73
CA THR D 58 -16.36 -7.86 -7.93
C THR D 58 -15.17 -8.45 -8.69
N SER D 59 -15.20 -8.31 -10.01
CA SER D 59 -14.14 -8.83 -10.86
C SER D 59 -13.92 -8.00 -12.12
N ASN D 60 -12.66 -7.68 -12.41
CA ASN D 60 -12.31 -6.90 -13.58
C ASN D 60 -11.31 -7.71 -14.42
N TYR D 61 -11.56 -7.82 -15.72
CA TYR D 61 -10.67 -8.59 -16.59
C TYR D 61 -10.24 -7.85 -17.85
N ALA D 62 -9.34 -8.47 -18.61
CA ALA D 62 -8.81 -7.88 -19.84
C ALA D 62 -9.69 -8.20 -21.05
N GLN D 63 -9.80 -7.24 -21.97
CA GLN D 63 -10.62 -7.39 -23.17
C GLN D 63 -10.23 -8.57 -24.06
N LYS D 64 -8.94 -8.90 -24.08
CA LYS D 64 -8.42 -9.99 -24.90
C LYS D 64 -8.99 -11.36 -24.55
N PHE D 65 -9.52 -11.49 -23.34
CA PHE D 65 -10.09 -12.75 -22.88
C PHE D 65 -11.60 -12.65 -22.65
N ARG D 66 -12.33 -12.15 -23.64
CA ARG D 66 -13.77 -12.02 -23.49
C ARG D 66 -14.51 -13.35 -23.52
N GLY D 67 -15.26 -13.62 -22.47
CA GLY D 67 -16.01 -14.85 -22.40
C GLY D 67 -15.17 -16.10 -22.33
N ARG D 68 -13.94 -15.98 -21.83
CA ARG D 68 -13.06 -17.13 -21.71
C ARG D 68 -12.58 -17.35 -20.27
N VAL D 69 -12.48 -16.28 -19.51
CA VAL D 69 -12.05 -16.37 -18.12
C VAL D 69 -13.22 -16.23 -17.16
N THR D 70 -13.18 -17.00 -16.08
CA THR D 70 -14.24 -16.97 -15.07
C THR D 70 -13.59 -17.04 -13.70
N PHE D 71 -13.27 -15.87 -13.16
CA PHE D 71 -12.64 -15.76 -11.85
C PHE D 71 -13.60 -16.00 -10.70
N THR D 72 -13.36 -17.06 -9.95
CA THR D 72 -14.20 -17.43 -8.81
C THR D 72 -13.37 -17.57 -7.54
N ALA D 73 -13.99 -17.33 -6.40
CA ALA D 73 -13.29 -17.42 -5.12
C ALA D 73 -14.08 -18.17 -4.07
N ASP D 74 -13.44 -19.14 -3.43
CA ASP D 74 -14.06 -19.93 -2.39
C ASP D 74 -13.48 -19.49 -1.05
N GLN D 75 -14.23 -18.68 -0.32
CA GLN D 75 -13.75 -18.17 0.97
C GLN D 75 -13.66 -19.20 2.08
N ALA D 76 -14.25 -20.37 1.89
CA ALA D 76 -14.21 -21.42 2.90
C ALA D 76 -12.83 -22.05 2.93
N THR D 77 -12.25 -22.22 1.75
CA THR D 77 -10.92 -22.81 1.62
C THR D 77 -9.88 -21.72 1.37
N SER D 78 -10.36 -20.48 1.28
CA SER D 78 -9.47 -19.35 1.05
C SER D 78 -8.63 -19.59 -0.19
N THR D 79 -9.26 -20.08 -1.23
CA THR D 79 -8.59 -20.39 -2.48
C THR D 79 -9.19 -19.61 -3.63
N ALA D 80 -8.34 -19.04 -4.47
CA ALA D 80 -8.78 -18.29 -5.64
C ALA D 80 -8.71 -19.18 -6.87
N TYR D 81 -9.77 -19.17 -7.69
CA TYR D 81 -9.79 -20.01 -8.88
C TYR D 81 -9.77 -19.23 -10.19
N MET D 82 -9.44 -19.91 -11.28
CA MET D 82 -9.38 -19.29 -12.60
C MET D 82 -9.54 -20.36 -13.68
N GLU D 83 -10.57 -20.21 -14.50
CA GLU D 83 -10.83 -21.18 -15.56
C GLU D 83 -10.78 -20.52 -16.92
N LEU D 84 -10.08 -21.15 -17.86
CA LEU D 84 -9.93 -20.62 -19.21
C LEU D 84 -10.46 -21.64 -20.21
N THR D 85 -11.47 -21.24 -20.97
CA THR D 85 -12.09 -22.12 -21.95
C THR D 85 -11.51 -21.99 -23.36
N ASN D 86 -11.76 -22.99 -24.20
CA ASN D 86 -11.27 -23.02 -25.57
C ASN D 86 -9.77 -22.74 -25.68
N LEU D 87 -8.96 -23.71 -25.25
CA LEU D 87 -7.50 -23.56 -25.28
C LEU D 87 -6.89 -23.80 -26.65
N ARG D 88 -5.89 -22.99 -26.99
CA ARG D 88 -5.19 -23.09 -28.26
C ARG D 88 -3.69 -23.12 -27.97
N SER D 89 -2.89 -23.36 -29.01
CA SER D 89 -1.44 -23.43 -28.86
C SER D 89 -0.83 -22.17 -28.24
N ASP D 90 -1.49 -21.03 -28.41
CA ASP D 90 -0.95 -19.79 -27.86
C ASP D 90 -1.25 -19.66 -26.37
N ASP D 91 -2.21 -20.46 -25.89
CA ASP D 91 -2.59 -20.43 -24.49
C ASP D 91 -1.58 -21.16 -23.61
N THR D 92 -0.65 -21.86 -24.23
CA THR D 92 0.37 -22.57 -23.48
C THR D 92 1.25 -21.55 -22.78
N ALA D 93 1.15 -21.49 -21.46
CA ALA D 93 1.96 -20.55 -20.69
C ALA D 93 2.01 -20.91 -19.22
N VAL D 94 2.88 -20.23 -18.48
CA VAL D 94 3.02 -20.46 -17.05
C VAL D 94 2.13 -19.43 -16.36
N TYR D 95 0.92 -19.83 -15.98
CA TYR D 95 -0.03 -18.93 -15.35
C TYR D 95 0.32 -18.61 -13.89
N TYR D 96 0.53 -17.34 -13.61
CA TYR D 96 0.87 -16.87 -12.27
C TYR D 96 -0.33 -16.28 -11.53
N CYS D 97 -0.41 -16.60 -10.25
CA CYS D 97 -1.48 -16.11 -9.38
C CYS D 97 -0.87 -15.04 -8.48
N ALA D 98 -1.20 -13.77 -8.73
CA ALA D 98 -0.65 -12.68 -7.94
C ALA D 98 -1.69 -12.03 -7.03
N ARG D 99 -1.35 -11.86 -5.76
CA ARG D 99 -2.25 -11.23 -4.80
C ARG D 99 -2.09 -9.72 -4.85
N ASP D 100 -3.21 -9.02 -5.03
CA ASP D 100 -3.20 -7.57 -5.10
C ASP D 100 -2.61 -6.96 -3.82
N PHE D 101 -2.12 -5.72 -3.93
CA PHE D 101 -1.52 -5.04 -2.79
C PHE D 101 -2.52 -4.80 -1.65
N GLY D 102 -3.77 -4.49 -2.02
CA GLY D 102 -4.78 -4.25 -1.00
C GLY D 102 -5.28 -2.80 -1.00
N PRO D 103 -6.28 -2.48 -0.16
CA PRO D 103 -6.85 -1.14 -0.06
C PRO D 103 -5.85 -0.13 0.47
N ASP D 104 -5.88 1.10 -0.06
CA ASP D 104 -4.98 2.13 0.43
C ASP D 104 -5.72 2.83 1.55
N TRP D 105 -5.37 2.50 2.79
CA TRP D 105 -6.05 3.07 3.94
C TRP D 105 -5.75 4.51 4.30
N GLU D 106 -4.51 4.93 4.20
CA GLU D 106 -4.18 6.30 4.60
C GLU D 106 -4.22 7.40 3.55
N ASP D 107 -4.76 7.09 2.36
CA ASP D 107 -4.91 8.07 1.29
C ASP D 107 -5.98 7.72 0.24
N GLY D 108 -6.07 6.44 -0.13
CA GLY D 108 -7.06 6.02 -1.11
C GLY D 108 -8.46 5.86 -0.54
N ASP D 109 -9.48 6.18 -1.35
CA ASP D 109 -10.85 6.07 -0.91
C ASP D 109 -11.74 5.12 -1.71
N SER D 110 -11.14 4.12 -2.35
CA SER D 110 -11.94 3.18 -3.12
C SER D 110 -11.20 1.87 -3.37
N TYR D 111 -11.97 0.82 -3.64
CA TYR D 111 -11.41 -0.49 -3.92
C TYR D 111 -12.44 -1.29 -4.71
N ASP D 112 -12.35 -1.21 -6.03
CA ASP D 112 -13.31 -1.88 -6.91
C ASP D 112 -12.62 -2.76 -7.95
N GLY D 113 -13.42 -3.50 -8.73
CA GLY D 113 -12.88 -4.33 -9.78
C GLY D 113 -12.07 -5.52 -9.33
N SER D 114 -10.76 -5.45 -9.50
CA SER D 114 -9.88 -6.54 -9.11
C SER D 114 -8.73 -6.07 -8.22
N GLY D 115 -8.92 -4.94 -7.55
CA GLY D 115 -7.87 -4.46 -6.67
C GLY D 115 -7.29 -3.11 -7.02
N ARG D 116 -6.19 -2.76 -6.36
CA ARG D 116 -5.54 -1.48 -6.59
C ARG D 116 -4.87 -1.48 -7.97
N GLY D 117 -4.20 -2.58 -8.28
CA GLY D 117 -3.55 -2.66 -9.58
C GLY D 117 -2.26 -3.44 -9.58
N PHE D 118 -1.40 -3.20 -8.59
CA PHE D 118 -0.13 -3.92 -8.51
C PHE D 118 -0.21 -5.05 -7.50
N PHE D 119 0.74 -5.99 -7.56
CA PHE D 119 0.71 -7.13 -6.66
C PHE D 119 2.03 -7.36 -5.92
N ASP D 120 1.96 -7.51 -4.60
CA ASP D 120 3.17 -7.76 -3.82
C ASP D 120 3.45 -9.25 -3.63
N PHE D 121 2.47 -10.01 -3.18
CA PHE D 121 2.67 -11.45 -2.98
C PHE D 121 2.34 -12.26 -4.24
N TRP D 122 3.28 -13.10 -4.67
CA TRP D 122 3.10 -13.90 -5.88
C TRP D 122 3.09 -15.41 -5.66
N GLY D 123 2.45 -16.14 -6.57
CA GLY D 123 2.37 -17.59 -6.45
C GLY D 123 3.47 -18.31 -7.19
N GLN D 124 3.58 -19.62 -6.97
CA GLN D 124 4.61 -20.43 -7.62
C GLN D 124 4.50 -20.44 -9.14
N GLY D 125 3.27 -20.38 -9.65
CA GLY D 125 3.08 -20.42 -11.09
C GLY D 125 2.91 -21.84 -11.59
N THR D 126 1.91 -22.05 -12.42
CA THR D 126 1.64 -23.37 -12.99
C THR D 126 1.67 -23.30 -14.52
N LEU D 127 2.39 -24.23 -15.12
CA LEU D 127 2.53 -24.30 -16.57
C LEU D 127 1.50 -25.20 -17.22
N VAL D 128 0.55 -24.59 -17.92
CA VAL D 128 -0.49 -25.36 -18.61
C VAL D 128 -0.10 -25.49 -20.07
N THR D 129 0.23 -26.71 -20.50
CA THR D 129 0.62 -26.94 -21.88
C THR D 129 -0.58 -27.42 -22.69
N VAL D 130 -0.79 -26.82 -23.85
CA VAL D 130 -1.91 -27.20 -24.70
C VAL D 130 -1.43 -28.09 -25.84
N SER D 131 -1.70 -29.39 -25.74
CA SER D 131 -1.28 -30.34 -26.76
C SER D 131 -2.22 -31.52 -26.86
N SER D 132 -2.22 -32.20 -28.01
CA SER D 132 -3.06 -33.36 -28.23
C SER D 132 -2.41 -34.62 -27.67
N ALA D 133 -1.09 -34.56 -27.49
CA ALA D 133 -0.34 -35.69 -26.97
C ALA D 133 -0.65 -35.97 -25.50
N SER D 134 -0.58 -37.24 -25.13
CA SER D 134 -0.86 -37.65 -23.75
C SER D 134 0.36 -37.49 -22.85
N THR D 135 0.12 -37.41 -21.54
CA THR D 135 1.20 -37.24 -20.57
C THR D 135 2.05 -38.50 -20.43
N LYS D 136 3.34 -38.32 -20.15
CA LYS D 136 4.25 -39.44 -20.03
C LYS D 136 5.16 -39.29 -18.80
N GLY D 137 5.21 -40.34 -17.98
CA GLY D 137 6.05 -40.32 -16.80
C GLY D 137 7.53 -40.38 -17.13
N PRO D 138 8.37 -39.59 -16.44
CA PRO D 138 9.81 -39.56 -16.67
C PRO D 138 10.56 -40.76 -16.10
N SER D 139 11.59 -41.19 -16.83
CA SER D 139 12.43 -42.31 -16.40
C SER D 139 13.74 -41.69 -15.92
N VAL D 140 14.12 -42.02 -14.68
CA VAL D 140 15.34 -41.46 -14.12
C VAL D 140 16.52 -42.42 -14.21
N PHE D 141 17.64 -41.91 -14.73
CA PHE D 141 18.86 -42.70 -14.88
C PHE D 141 20.00 -42.01 -14.14
N PRO D 142 20.76 -42.78 -13.34
CA PRO D 142 21.89 -42.28 -12.54
C PRO D 142 23.11 -41.87 -13.38
N LEU D 143 23.75 -40.80 -12.94
CA LEU D 143 24.96 -40.30 -13.59
C LEU D 143 26.03 -40.49 -12.53
N ALA D 144 26.32 -41.77 -12.26
CA ALA D 144 27.29 -42.16 -11.24
C ALA D 144 28.69 -41.61 -11.44
N PRO D 145 29.40 -41.35 -10.33
CA PRO D 145 30.77 -40.81 -10.34
C PRO D 145 31.76 -41.86 -10.81
N SER D 146 32.81 -41.41 -11.50
CA SER D 146 33.82 -42.33 -12.00
C SER D 146 35.22 -41.76 -11.83
N SER D 147 36.21 -42.47 -12.34
CA SER D 147 37.60 -42.04 -12.25
C SER D 147 37.79 -40.82 -13.15
N LYS D 148 36.99 -40.75 -14.19
CA LYS D 148 37.06 -39.67 -15.16
C LYS D 148 35.95 -38.64 -14.96
N SER D 149 35.70 -38.29 -13.70
CA SER D 149 34.67 -37.32 -13.37
C SER D 149 35.03 -36.63 -12.05
N THR D 150 36.32 -36.60 -11.75
CA THR D 150 36.81 -35.96 -10.53
C THR D 150 38.03 -35.08 -10.82
N SER D 151 37.82 -33.77 -10.78
CA SER D 151 38.88 -32.81 -11.04
C SER D 151 39.36 -32.18 -9.74
N GLY D 152 40.27 -32.86 -9.04
CA GLY D 152 40.77 -32.34 -7.78
C GLY D 152 40.18 -33.10 -6.63
N GLY D 153 39.75 -32.38 -5.60
CA GLY D 153 39.15 -33.03 -4.45
C GLY D 153 37.64 -33.07 -4.54
N THR D 154 37.12 -32.57 -5.65
CA THR D 154 35.68 -32.55 -5.87
C THR D 154 35.22 -33.63 -6.84
N ALA D 155 34.05 -34.19 -6.57
CA ALA D 155 33.48 -35.23 -7.41
C ALA D 155 32.18 -34.73 -8.02
N ALA D 156 31.79 -35.31 -9.15
CA ALA D 156 30.57 -34.88 -9.81
C ALA D 156 29.66 -36.03 -10.21
N LEU D 157 28.39 -35.93 -9.84
CA LEU D 157 27.40 -36.95 -10.17
C LEU D 157 26.08 -36.25 -10.48
N GLY D 158 25.07 -37.03 -10.88
CA GLY D 158 23.78 -36.42 -11.18
C GLY D 158 22.71 -37.41 -11.55
N CYS D 159 21.64 -36.90 -12.15
CA CYS D 159 20.52 -37.73 -12.56
C CYS D 159 20.04 -37.34 -13.96
N LEU D 160 19.67 -38.33 -14.77
CA LEU D 160 19.19 -38.06 -16.12
C LEU D 160 17.69 -38.27 -16.19
N VAL D 161 16.93 -37.18 -16.20
CA VAL D 161 15.49 -37.27 -16.30
C VAL D 161 15.22 -37.40 -17.79
N LYS D 162 14.88 -38.61 -18.24
CA LYS D 162 14.66 -38.84 -19.65
C LYS D 162 13.25 -39.27 -20.07
N ASP D 163 12.81 -38.74 -21.21
CA ASP D 163 11.50 -39.04 -21.80
C ASP D 163 10.28 -38.75 -20.94
N TYR D 164 9.73 -37.55 -21.11
CA TYR D 164 8.54 -37.13 -20.38
C TYR D 164 7.85 -35.98 -21.10
N PHE D 165 6.55 -35.82 -20.87
CA PHE D 165 5.78 -34.75 -21.50
C PHE D 165 4.54 -34.46 -20.67
N PRO D 166 4.28 -33.17 -20.40
CA PRO D 166 5.13 -32.06 -20.84
C PRO D 166 5.96 -31.51 -19.69
N GLU D 167 6.50 -30.32 -19.87
CA GLU D 167 7.28 -29.67 -18.82
C GLU D 167 6.31 -29.25 -17.72
N PRO D 168 6.84 -29.00 -16.51
CA PRO D 168 8.25 -29.07 -16.15
C PRO D 168 8.53 -30.24 -15.20
N VAL D 169 9.77 -30.35 -14.76
CA VAL D 169 10.18 -31.41 -13.84
C VAL D 169 11.00 -30.76 -12.75
N THR D 170 10.58 -30.95 -11.51
CA THR D 170 11.28 -30.37 -10.37
C THR D 170 12.24 -31.38 -9.76
N VAL D 171 13.53 -31.08 -9.80
CA VAL D 171 14.53 -31.98 -9.25
C VAL D 171 15.24 -31.37 -8.04
N SER D 172 15.21 -32.09 -6.92
CA SER D 172 15.87 -31.63 -5.70
C SER D 172 16.81 -32.73 -5.24
N TRP D 173 17.73 -32.41 -4.34
CA TRP D 173 18.66 -33.41 -3.85
C TRP D 173 18.57 -33.62 -2.34
N ASN D 174 18.52 -34.89 -1.94
CA ASN D 174 18.41 -35.26 -0.53
C ASN D 174 17.22 -34.56 0.08
N SER D 175 16.12 -34.58 -0.67
CA SER D 175 14.87 -33.97 -0.24
C SER D 175 15.00 -32.49 0.07
N GLY D 176 16.11 -31.88 -0.34
CA GLY D 176 16.31 -30.47 -0.09
C GLY D 176 17.51 -30.15 0.78
N ALA D 177 18.07 -31.16 1.43
CA ALA D 177 19.22 -30.96 2.31
C ALA D 177 20.44 -30.48 1.53
N LEU D 178 20.61 -31.00 0.33
CA LEU D 178 21.74 -30.62 -0.52
C LEU D 178 21.25 -29.65 -1.58
N THR D 179 21.62 -28.39 -1.43
CA THR D 179 21.20 -27.36 -2.38
C THR D 179 22.38 -26.67 -3.04
N SER D 180 23.50 -26.62 -2.35
CA SER D 180 24.71 -25.97 -2.87
C SER D 180 25.44 -26.87 -3.87
N GLY D 181 25.80 -26.30 -5.01
CA GLY D 181 26.51 -27.06 -6.02
C GLY D 181 25.58 -27.74 -7.01
N VAL D 182 24.28 -27.62 -6.77
CA VAL D 182 23.30 -28.23 -7.66
C VAL D 182 23.07 -27.42 -8.92
N HIS D 183 23.12 -28.10 -10.06
CA HIS D 183 22.91 -27.47 -11.35
C HIS D 183 21.87 -28.24 -12.15
N THR D 184 20.75 -27.59 -12.44
CA THR D 184 19.68 -28.23 -13.20
C THR D 184 19.53 -27.56 -14.55
N PHE D 185 19.87 -28.30 -15.60
CA PHE D 185 19.81 -27.79 -16.97
C PHE D 185 18.41 -27.71 -17.54
N PRO D 186 18.11 -26.66 -18.33
CA PRO D 186 16.79 -26.52 -18.94
C PRO D 186 16.52 -27.67 -19.92
N ALA D 187 15.29 -28.16 -19.94
CA ALA D 187 14.91 -29.27 -20.82
C ALA D 187 14.96 -28.96 -22.31
N VAL D 188 15.30 -29.98 -23.10
CA VAL D 188 15.38 -29.86 -24.55
C VAL D 188 14.49 -30.93 -25.19
N LEU D 189 13.81 -30.56 -26.26
CA LEU D 189 12.91 -31.49 -26.96
C LEU D 189 13.67 -32.44 -27.87
N GLN D 190 13.41 -33.74 -27.71
CA GLN D 190 14.07 -34.76 -28.51
C GLN D 190 13.35 -34.99 -29.84
N SER D 191 13.99 -35.75 -30.73
CA SER D 191 13.42 -36.03 -32.04
C SER D 191 12.23 -36.99 -31.94
N SER D 192 11.93 -37.43 -30.73
CA SER D 192 10.82 -38.35 -30.50
C SER D 192 9.58 -37.58 -30.04
N GLY D 193 9.77 -36.32 -29.69
CA GLY D 193 8.67 -35.49 -29.23
C GLY D 193 8.54 -35.48 -27.73
N LEU D 194 9.62 -35.83 -27.04
CA LEU D 194 9.64 -35.86 -25.59
C LEU D 194 10.74 -34.97 -25.03
N TYR D 195 10.57 -34.52 -23.79
CA TYR D 195 11.53 -33.66 -23.11
C TYR D 195 12.51 -34.45 -22.25
N SER D 196 13.67 -33.85 -21.98
CA SER D 196 14.71 -34.48 -21.17
C SER D 196 15.65 -33.46 -20.56
N LEU D 197 15.99 -33.66 -19.29
CA LEU D 197 16.89 -32.77 -18.58
C LEU D 197 17.80 -33.58 -17.68
N SER D 198 18.84 -32.93 -17.17
CA SER D 198 19.81 -33.59 -16.29
C SER D 198 20.17 -32.67 -15.14
N SER D 199 20.25 -33.24 -13.95
CA SER D 199 20.59 -32.47 -12.76
C SER D 199 21.90 -33.00 -12.20
N VAL D 200 22.89 -32.12 -12.04
CA VAL D 200 24.18 -32.53 -11.51
C VAL D 200 24.64 -31.65 -10.36
N VAL D 201 25.28 -32.26 -9.38
CA VAL D 201 25.77 -31.52 -8.23
C VAL D 201 27.21 -31.91 -7.91
N THR D 202 28.02 -30.92 -7.60
CA THR D 202 29.42 -31.14 -7.28
C THR D 202 29.65 -31.21 -5.76
N VAL D 203 30.22 -32.33 -5.31
CA VAL D 203 30.49 -32.54 -3.90
C VAL D 203 31.85 -33.20 -3.67
N PRO D 204 32.42 -33.01 -2.47
CA PRO D 204 33.73 -33.59 -2.11
C PRO D 204 33.86 -35.07 -2.46
N SER D 205 35.04 -35.48 -2.90
CA SER D 205 35.28 -36.87 -3.27
C SER D 205 35.37 -37.80 -2.06
N SER D 206 35.89 -37.27 -0.95
CA SER D 206 36.04 -38.07 0.26
C SER D 206 34.70 -38.33 0.95
N SER D 207 33.72 -37.49 0.65
CA SER D 207 32.39 -37.62 1.27
C SER D 207 31.50 -38.62 0.55
N LEU D 208 31.97 -39.15 -0.57
CA LEU D 208 31.22 -40.12 -1.35
C LEU D 208 30.80 -41.35 -0.56
N GLY D 209 31.64 -41.80 0.36
CA GLY D 209 31.32 -42.97 1.14
C GLY D 209 30.59 -42.64 2.43
N THR D 210 30.88 -41.47 2.97
CA THR D 210 30.25 -41.05 4.21
C THR D 210 28.96 -40.27 4.00
N GLN D 211 28.43 -40.30 2.79
CA GLN D 211 27.18 -39.61 2.52
C GLN D 211 26.45 -40.21 1.31
N THR D 212 25.15 -40.38 1.45
CA THR D 212 24.35 -40.93 0.37
C THR D 212 23.60 -39.80 -0.34
N TYR D 213 23.75 -39.75 -1.66
CA TYR D 213 23.11 -38.71 -2.47
C TYR D 213 21.92 -39.26 -3.25
N ILE D 214 20.77 -38.61 -3.11
CA ILE D 214 19.56 -39.03 -3.79
C ILE D 214 18.85 -37.85 -4.45
N CYS D 215 18.50 -37.98 -5.73
CA CYS D 215 17.79 -36.92 -6.44
C CYS D 215 16.30 -37.24 -6.43
N ASN D 216 15.49 -36.22 -6.20
CA ASN D 216 14.04 -36.40 -6.17
C ASN D 216 13.40 -35.75 -7.38
N VAL D 217 13.12 -36.55 -8.40
CA VAL D 217 12.50 -36.06 -9.62
C VAL D 217 10.98 -36.01 -9.52
N ASN D 218 10.42 -34.82 -9.72
CA ASN D 218 8.98 -34.64 -9.62
C ASN D 218 8.36 -34.20 -10.94
N HIS D 219 7.26 -34.85 -11.31
CA HIS D 219 6.56 -34.54 -12.55
C HIS D 219 5.06 -34.54 -12.26
N LYS D 220 4.52 -33.36 -11.98
CA LYS D 220 3.11 -33.18 -11.64
C LYS D 220 2.12 -33.54 -12.75
N PRO D 221 2.47 -33.30 -14.02
CA PRO D 221 1.55 -33.63 -15.11
C PRO D 221 1.07 -35.07 -15.13
N SER D 222 1.96 -35.99 -14.79
CA SER D 222 1.64 -37.41 -14.79
C SER D 222 1.50 -37.93 -13.36
N ASN D 223 1.62 -37.04 -12.40
CA ASN D 223 1.50 -37.42 -10.99
C ASN D 223 2.56 -38.44 -10.61
N THR D 224 3.79 -38.19 -11.04
CA THR D 224 4.89 -39.10 -10.78
C THR D 224 6.03 -38.45 -10.02
N LYS D 225 6.61 -39.18 -9.07
CA LYS D 225 7.74 -38.68 -8.30
C LYS D 225 8.68 -39.86 -8.11
N VAL D 226 9.89 -39.75 -8.63
CA VAL D 226 10.85 -40.82 -8.52
C VAL D 226 12.07 -40.42 -7.69
N ASP D 227 12.54 -41.32 -6.85
CA ASP D 227 13.69 -41.06 -6.02
C ASP D 227 14.80 -42.03 -6.37
N LYS D 228 15.85 -41.54 -7.02
CA LYS D 228 16.96 -42.39 -7.41
C LYS D 228 18.22 -42.04 -6.63
N LYS D 229 18.77 -43.02 -5.95
CA LYS D 229 19.99 -42.84 -5.17
C LYS D 229 21.20 -43.11 -6.05
N VAL D 230 22.03 -42.09 -6.24
CA VAL D 230 23.22 -42.23 -7.08
C VAL D 230 24.46 -42.62 -6.29
N GLU D 231 25.12 -43.69 -6.72
CA GLU D 231 26.32 -44.18 -6.06
C GLU D 231 27.26 -44.78 -7.11
N PRO D 232 28.57 -44.78 -6.83
CA PRO D 232 29.62 -45.32 -7.71
C PRO D 232 29.30 -46.70 -8.28
N LYS D 233 29.85 -46.99 -9.46
CA LYS D 233 29.62 -48.27 -10.14
C LYS D 233 30.12 -49.46 -9.33
N SER D 234 29.78 -50.66 -9.79
CA SER D 234 30.17 -51.91 -9.15
C SER D 234 31.69 -52.15 -9.22
N CYS D 235 32.25 -51.98 -10.42
CA CYS D 235 33.68 -52.16 -10.65
C CYS D 235 34.24 -53.47 -10.06
#